data_2JLV
#
_entry.id   2JLV
#
_cell.length_a   132.660
_cell.length_b   105.192
_cell.length_c   72.435
_cell.angle_alpha   90.00
_cell.angle_beta   117.66
_cell.angle_gamma   90.00
#
_symmetry.space_group_name_H-M   'C 1 2 1'
#
loop_
_entity.id
_entity.type
_entity.pdbx_description
1 polymer 'SERINE PROTEASE SUBUNIT NS3'
2 polymer "5'-R(*AP*GP*AP*CP*UP*AP*AP*CP*AP*AP*CP*U)-3'"
3 non-polymer 'PHOSPHOAMINOPHOSPHONIC ACID-ADENYLATE ESTER'
4 non-polymer 'MANGANESE (II) ION'
5 non-polymer GLYCEROL
6 non-polymer 'CHLORIDE ION'
7 water water
#
loop_
_entity_poly.entity_id
_entity_poly.type
_entity_poly.pdbx_seq_one_letter_code
_entity_poly.pdbx_strand_id
1 'polypeptide(L)'
;GSAMGEPDYEVDEDIFRKKRLTIMDLHPGAGKTKRILPSIVREALKRRLRTLILAPTRVVAAEMEEALRGLPIRYQTPAV
KSDHTGREIVDLMCHATFTTRLLSSTRVPNYNLIVMDEAHFTDPCSVAARGYISTRVEMGEAAAIFMTATPPGSIDPFPQ
SNSPIEDIEREIPERSWNTGFDWITDYQGKTVWFVPSIKAGNDIANCLRKSGKRVIQLSRKTFDTEYPKTKLTDWDFVVT
TDISEMGANFRAGRVIDPRRCLKPVILTDGPERVILAGPIPVTPASAAQRRGRIGRNPAQEDDQYVFSGDPLKNDEDHAH
WTEAKMLLDNIYTPEGIIPTLFGPEREKTQAIDGEFRLRGEQRKTFVELMRRGDLPVWLSYKVASAGISYKDREWCFTGE
RNNQILEENMEVEIWTREGEKKKLRPKWLDARVYADPMALKDFKEFASGRK
;
A,B
2 'polyribonucleotide' AGACUAACAACU C,D
#
loop_
_chem_comp.id
_chem_comp.type
_chem_comp.name
_chem_comp.formula
A RNA linking ADENOSINE-5'-MONOPHOSPHATE 'C10 H14 N5 O7 P'
ANP non-polymer 'PHOSPHOAMINOPHOSPHONIC ACID-ADENYLATE ESTER' 'C10 H17 N6 O12 P3'
C RNA linking CYTIDINE-5'-MONOPHOSPHATE 'C9 H14 N3 O8 P'
CL non-polymer 'CHLORIDE ION' 'Cl -1'
G RNA linking GUANOSINE-5'-MONOPHOSPHATE 'C10 H14 N5 O8 P'
GOL non-polymer GLYCEROL 'C3 H8 O3'
MN non-polymer 'MANGANESE (II) ION' 'Mn 2'
U RNA linking URIDINE-5'-MONOPHOSPHATE 'C9 H13 N2 O9 P'
#
# COMPACT_ATOMS: atom_id res chain seq x y z
N GLY A 1 -12.16 -15.51 -29.59
CA GLY A 1 -12.56 -14.09 -29.81
C GLY A 1 -13.06 -13.41 -28.55
N SER A 2 -13.25 -12.10 -28.59
CA SER A 2 -13.64 -11.36 -27.41
C SER A 2 -14.52 -10.16 -27.73
N ALA A 3 -15.17 -9.62 -26.71
N ALA A 3 -15.19 -9.62 -26.72
CA ALA A 3 -15.94 -8.38 -26.82
CA ALA A 3 -15.89 -8.35 -26.86
C ALA A 3 -15.88 -7.58 -25.53
C ALA A 3 -14.94 -7.18 -26.59
N MET A 4 -16.21 -6.30 -25.62
N MET A 4 -15.44 -5.96 -26.63
CA MET A 4 -16.51 -5.51 -24.45
CA MET A 4 -14.53 -4.83 -26.56
C MET A 4 -15.27 -5.24 -23.56
C MET A 4 -13.63 -4.73 -25.33
N GLY A 5 -14.06 -5.07 -24.10
CA GLY A 5 -13.00 -4.88 -23.11
C GLY A 5 -12.51 -6.11 -22.37
N GLU A 6 -13.25 -7.21 -22.51
CA GLU A 6 -12.94 -8.42 -21.77
C GLU A 6 -11.86 -9.23 -22.48
N PRO A 7 -11.03 -9.95 -21.70
CA PRO A 7 -9.91 -10.70 -22.26
C PRO A 7 -10.42 -11.82 -23.18
N ASP A 8 -9.63 -12.16 -24.19
CA ASP A 8 -9.99 -13.23 -25.12
C ASP A 8 -9.90 -14.60 -24.45
N TYR A 9 -10.92 -15.42 -24.67
CA TYR A 9 -10.96 -16.83 -24.28
C TYR A 9 -9.82 -17.62 -24.93
N GLU A 10 -9.42 -17.17 -26.12
CA GLU A 10 -8.49 -17.88 -26.96
C GLU A 10 -7.11 -17.23 -26.86
N VAL A 11 -6.13 -17.99 -26.38
CA VAL A 11 -4.76 -17.50 -26.28
C VAL A 11 -3.83 -18.41 -27.06
N ASP A 12 -2.99 -17.79 -27.89
CA ASP A 12 -2.05 -18.48 -28.76
C ASP A 12 -1.07 -19.29 -27.92
N GLU A 13 -1.04 -20.61 -28.11
CA GLU A 13 -0.19 -21.50 -27.31
C GLU A 13 1.31 -21.23 -27.51
N ASP A 14 1.63 -20.72 -28.70
CA ASP A 14 2.97 -20.37 -29.11
C ASP A 14 3.74 -19.49 -28.11
N ILE A 15 3.05 -18.56 -27.46
CA ILE A 15 3.71 -17.53 -26.65
C ILE A 15 4.30 -18.08 -25.35
N PHE A 16 3.92 -19.31 -24.99
CA PHE A 16 4.36 -19.92 -23.74
C PHE A 16 5.57 -20.87 -23.89
N ARG A 17 5.91 -21.20 -25.12
CA ARG A 17 7.05 -22.08 -25.38
C ARG A 17 8.35 -21.47 -24.93
N LYS A 18 9.12 -22.23 -24.15
CA LYS A 18 10.48 -21.83 -23.80
C LYS A 18 11.28 -21.61 -25.10
N LYS A 19 12.14 -20.58 -25.09
CA LYS A 19 12.87 -20.09 -26.28
C LYS A 19 12.08 -19.10 -27.12
N ARG A 20 10.78 -18.97 -26.85
CA ARG A 20 9.95 -17.97 -27.53
C ARG A 20 10.00 -16.64 -26.78
N LEU A 21 10.46 -15.59 -27.47
CA LEU A 21 10.34 -14.21 -27.04
C LEU A 21 9.40 -13.52 -28.02
N THR A 22 8.22 -13.17 -27.55
CA THR A 22 7.19 -12.57 -28.39
C THR A 22 7.23 -11.06 -28.19
N ILE A 23 7.21 -10.33 -29.30
CA ILE A 23 7.08 -8.88 -29.21
C ILE A 23 5.67 -8.47 -29.63
N MET A 24 4.95 -7.86 -28.70
CA MET A 24 3.60 -7.37 -28.97
C MET A 24 3.69 -5.85 -29.14
N ASP A 25 3.68 -5.42 -30.39
CA ASP A 25 3.94 -4.02 -30.70
C ASP A 25 2.70 -3.23 -31.12
N LEU A 26 1.56 -3.59 -30.55
CA LEU A 26 0.29 -2.94 -30.88
C LEU A 26 0.32 -1.46 -30.49
N HIS A 27 -0.42 -0.64 -31.22
CA HIS A 27 -0.50 0.81 -30.99
C HIS A 27 -1.12 1.21 -29.64
N PRO A 28 -0.84 2.45 -29.17
CA PRO A 28 -1.34 2.86 -27.87
C PRO A 28 -2.86 2.79 -27.80
N GLY A 29 -3.37 2.23 -26.71
CA GLY A 29 -4.79 2.03 -26.53
C GLY A 29 -5.40 0.79 -27.20
N ALA A 30 -4.57 -0.07 -27.79
CA ALA A 30 -5.06 -1.29 -28.44
C ALA A 30 -5.59 -2.30 -27.43
N GLY A 31 -5.03 -2.32 -26.21
CA GLY A 31 -5.52 -3.21 -25.16
C GLY A 31 -4.46 -4.13 -24.60
N LYS A 32 -3.20 -3.72 -24.73
CA LYS A 32 -2.06 -4.56 -24.32
C LYS A 32 -2.14 -4.87 -22.83
N THR A 33 -2.31 -3.81 -22.04
CA THR A 33 -2.26 -3.92 -20.58
C THR A 33 -3.58 -4.41 -19.98
N LYS A 34 -4.69 -3.98 -20.56
CA LYS A 34 -5.99 -4.25 -19.91
C LYS A 34 -6.87 -5.31 -20.55
N ARG A 35 -6.47 -5.78 -21.73
CA ARG A 35 -7.22 -6.86 -22.39
C ARG A 35 -6.31 -8.04 -22.67
N ILE A 36 -5.18 -7.79 -23.33
CA ILE A 36 -4.26 -8.87 -23.70
C ILE A 36 -3.60 -9.50 -22.46
N LEU A 37 -2.99 -8.67 -21.62
CA LEU A 37 -2.34 -9.13 -20.37
C LEU A 37 -3.19 -10.10 -19.49
N PRO A 38 -4.42 -9.70 -19.11
CA PRO A 38 -5.24 -10.63 -18.31
C PRO A 38 -5.55 -11.96 -19.02
N SER A 39 -5.68 -11.97 -20.35
CA SER A 39 -5.90 -13.25 -21.05
C SER A 39 -4.66 -14.15 -20.94
N ILE A 40 -3.47 -13.56 -21.10
CA ILE A 40 -2.20 -14.28 -20.91
C ILE A 40 -2.04 -14.81 -19.48
N VAL A 41 -2.35 -14.00 -18.48
CA VAL A 41 -2.14 -14.37 -17.08
C VAL A 41 -3.09 -15.50 -16.68
N ARG A 42 -4.34 -15.43 -17.17
CA ARG A 42 -5.31 -16.49 -16.95
C ARG A 42 -4.82 -17.84 -17.50
N GLU A 43 -4.26 -17.78 -18.71
CA GLU A 43 -3.78 -18.98 -19.40
C GLU A 43 -2.50 -19.51 -18.78
N ALA A 44 -1.65 -18.60 -18.30
CA ALA A 44 -0.45 -18.97 -17.55
C ALA A 44 -0.79 -19.74 -16.27
N LEU A 45 -1.85 -19.28 -15.59
CA LEU A 45 -2.32 -19.90 -14.35
C LEU A 45 -2.83 -21.32 -14.62
N LYS A 46 -3.54 -21.50 -15.73
CA LYS A 46 -3.98 -22.82 -16.19
C LYS A 46 -2.81 -23.76 -16.52
N ARG A 47 -1.74 -23.19 -17.08
CA ARG A 47 -0.56 -23.94 -17.46
C ARG A 47 0.41 -24.13 -16.28
N ARG A 48 0.06 -23.53 -15.14
CA ARG A 48 0.84 -23.65 -13.90
C ARG A 48 2.24 -23.06 -14.01
N LEU A 49 2.34 -21.97 -14.77
CA LEU A 49 3.63 -21.34 -15.02
C LEU A 49 3.94 -20.32 -13.93
N ARG A 50 5.13 -20.45 -13.36
CA ARG A 50 5.69 -19.44 -12.47
C ARG A 50 5.92 -18.17 -13.30
N THR A 51 5.13 -17.14 -13.02
CA THR A 51 5.04 -15.97 -13.90
C THR A 51 5.48 -14.69 -13.21
N LEU A 52 6.21 -13.85 -13.96
CA LEU A 52 6.61 -12.51 -13.55
C LEU A 52 6.02 -11.48 -14.50
N ILE A 53 5.28 -10.52 -13.94
CA ILE A 53 4.75 -9.37 -14.67
C ILE A 53 5.50 -8.10 -14.23
N LEU A 54 6.04 -7.36 -15.21
CA LEU A 54 6.84 -6.17 -14.93
C LEU A 54 6.26 -4.89 -15.54
N ALA A 55 6.06 -3.89 -14.68
CA ALA A 55 5.58 -2.54 -15.05
C ALA A 55 6.68 -1.48 -14.88
N PRO A 56 6.82 -0.54 -15.85
CA PRO A 56 7.92 0.43 -15.73
C PRO A 56 7.80 1.39 -14.54
N THR A 57 6.56 1.72 -14.18
CA THR A 57 6.22 2.72 -13.17
C THR A 57 5.00 2.24 -12.36
N ARG A 58 4.73 2.89 -11.24
CA ARG A 58 3.54 2.60 -10.41
C ARG A 58 2.22 2.97 -11.11
N VAL A 59 2.29 3.92 -12.04
CA VAL A 59 1.14 4.30 -12.89
C VAL A 59 0.74 3.09 -13.74
N VAL A 60 1.70 2.45 -14.39
CA VAL A 60 1.41 1.21 -15.13
C VAL A 60 0.98 0.06 -14.21
N ALA A 61 1.59 -0.03 -13.04
CA ALA A 61 1.25 -1.11 -12.09
C ALA A 61 -0.20 -0.97 -11.66
N ALA A 62 -0.60 0.29 -11.43
CA ALA A 62 -1.97 0.62 -11.03
C ALA A 62 -2.98 0.24 -12.11
N GLU A 63 -2.65 0.54 -13.36
CA GLU A 63 -3.47 0.12 -14.52
C GLU A 63 -3.66 -1.39 -14.61
N MET A 64 -2.56 -2.13 -14.41
CA MET A 64 -2.59 -3.59 -14.45
C MET A 64 -3.50 -4.17 -13.37
N GLU A 65 -3.42 -3.64 -12.15
CA GLU A 65 -4.21 -4.15 -11.02
C GLU A 65 -5.70 -4.00 -11.33
N GLU A 66 -6.07 -2.90 -11.97
CA GLU A 66 -7.46 -2.71 -12.45
C GLU A 66 -7.87 -3.85 -13.40
N ALA A 67 -6.95 -4.25 -14.28
CA ALA A 67 -7.24 -5.31 -15.25
C ALA A 67 -7.19 -6.72 -14.63
N LEU A 68 -6.35 -6.88 -13.61
CA LEU A 68 -6.06 -8.20 -13.07
C LEU A 68 -6.80 -8.51 -11.77
N ARG A 69 -7.58 -7.54 -11.30
CA ARG A 69 -8.27 -7.63 -10.00
C ARG A 69 -9.05 -8.94 -9.86
N GLY A 70 -8.86 -9.61 -8.74
CA GLY A 70 -9.52 -10.88 -8.48
C GLY A 70 -8.68 -12.12 -8.75
N LEU A 71 -7.65 -11.98 -9.60
CA LEU A 71 -6.73 -13.06 -9.93
C LEU A 71 -5.65 -13.24 -8.83
N PRO A 72 -5.18 -14.49 -8.58
CA PRO A 72 -4.15 -14.75 -7.56
C PRO A 72 -2.73 -14.23 -7.92
N ILE A 73 -2.55 -12.93 -7.72
CA ILE A 73 -1.31 -12.23 -8.07
C ILE A 73 -0.67 -11.71 -6.78
N ARG A 74 0.63 -11.93 -6.61
CA ARG A 74 1.40 -11.33 -5.52
C ARG A 74 1.99 -9.99 -5.98
N TYR A 75 1.41 -8.88 -5.50
CA TYR A 75 1.90 -7.54 -5.87
C TYR A 75 3.09 -7.18 -5.00
N GLN A 76 4.22 -6.91 -5.63
CA GLN A 76 5.43 -6.49 -4.94
C GLN A 76 5.76 -5.05 -5.31
N THR A 77 4.77 -4.19 -5.09
CA THR A 77 4.86 -2.75 -5.34
C THR A 77 3.98 -2.01 -4.32
N PRO A 78 4.53 -0.95 -3.68
CA PRO A 78 3.75 -0.05 -2.83
C PRO A 78 2.52 0.56 -3.52
N ALA A 79 2.48 0.54 -4.85
CA ALA A 79 1.36 1.06 -5.64
C ALA A 79 0.06 0.28 -5.41
N VAL A 80 0.19 -0.97 -4.97
CA VAL A 80 -0.94 -1.87 -4.84
C VAL A 80 -0.96 -2.55 -3.47
N LYS A 81 -2.16 -2.72 -2.94
CA LYS A 81 -2.43 -3.52 -1.75
C LYS A 81 -3.79 -4.19 -1.97
N SER A 82 -4.03 -5.41 -1.47
CA SER A 82 -3.11 -6.29 -0.72
C SER A 82 -3.79 -7.65 -0.69
N ASP A 83 -3.00 -8.73 -0.80
CA ASP A 83 -3.55 -10.09 -0.66
C ASP A 83 -3.35 -10.61 0.78
N HIS A 84 -2.28 -11.34 1.11
CA HIS A 84 -1.42 -12.10 0.22
C HIS A 84 -1.12 -13.42 0.96
N THR A 85 -1.35 -14.55 0.31
CA THR A 85 -1.25 -15.86 0.98
C THR A 85 0.18 -16.38 1.01
N GLY A 86 0.97 -16.01 0.00
CA GLY A 86 2.33 -16.50 -0.14
C GLY A 86 2.40 -17.72 -1.06
N ARG A 87 1.24 -18.18 -1.52
CA ARG A 87 1.15 -19.35 -2.39
C ARG A 87 0.89 -18.97 -3.86
N GLU A 88 0.74 -17.68 -4.12
CA GLU A 88 0.62 -17.15 -5.49
C GLU A 88 1.80 -17.62 -6.34
N ILE A 89 1.52 -17.96 -7.59
CA ILE A 89 2.58 -18.31 -8.56
C ILE A 89 2.81 -17.20 -9.60
N VAL A 90 2.03 -16.12 -9.52
CA VAL A 90 2.25 -14.92 -10.35
C VAL A 90 2.71 -13.73 -9.47
N ASP A 91 3.86 -13.15 -9.80
CA ASP A 91 4.35 -11.93 -9.14
C ASP A 91 4.26 -10.73 -10.08
N LEU A 92 3.99 -9.55 -9.51
CA LEU A 92 3.95 -8.30 -10.28
C LEU A 92 4.77 -7.26 -9.52
N MET A 93 5.67 -6.61 -10.24
CA MET A 93 6.59 -5.62 -9.69
C MET A 93 7.11 -4.69 -10.79
N CYS A 94 7.79 -3.62 -10.38
CA CYS A 94 8.35 -2.69 -11.33
C CYS A 94 9.67 -3.18 -11.94
N HIS A 95 9.96 -2.72 -13.15
CA HIS A 95 11.21 -3.06 -13.87
C HIS A 95 12.43 -2.94 -12.95
N ALA A 96 12.58 -1.78 -12.32
CA ALA A 96 13.72 -1.49 -11.45
C ALA A 96 13.77 -2.38 -10.21
N THR A 97 12.59 -2.78 -9.70
CA THR A 97 12.49 -3.67 -8.55
C THR A 97 13.08 -5.04 -8.88
N PHE A 98 12.77 -5.55 -10.08
CA PHE A 98 13.28 -6.84 -10.52
C PHE A 98 14.82 -6.83 -10.64
N THR A 99 15.36 -5.76 -11.20
CA THR A 99 16.80 -5.63 -11.36
C THR A 99 17.51 -5.49 -10.01
N THR A 100 16.87 -4.79 -9.08
CA THR A 100 17.32 -4.72 -7.68
C THR A 100 17.42 -6.11 -7.04
N ARG A 101 16.40 -6.95 -7.28
CA ARG A 101 16.35 -8.31 -6.74
C ARG A 101 17.49 -9.14 -7.33
N LEU A 102 17.69 -9.01 -8.64
CA LEU A 102 18.77 -9.70 -9.36
C LEU A 102 20.17 -9.38 -8.80
N LEU A 103 20.38 -8.13 -8.40
CA LEU A 103 21.65 -7.67 -7.83
C LEU A 103 21.83 -7.94 -6.33
N SER A 104 20.74 -8.32 -5.65
CA SER A 104 20.73 -8.42 -4.18
C SER A 104 21.11 -9.80 -3.67
N SER A 105 20.95 -10.02 -2.36
CA SER A 105 21.29 -11.31 -1.74
C SER A 105 20.20 -12.35 -1.94
N THR A 106 18.94 -11.89 -2.01
CA THR A 106 17.79 -12.75 -2.23
C THR A 106 17.80 -13.23 -3.67
N ARG A 107 17.44 -14.49 -3.87
CA ARG A 107 17.40 -15.05 -5.23
C ARG A 107 16.01 -14.89 -5.83
N VAL A 108 15.96 -14.67 -7.13
CA VAL A 108 14.68 -14.58 -7.82
C VAL A 108 14.11 -15.98 -8.05
N PRO A 109 12.77 -16.11 -8.00
CA PRO A 109 12.15 -17.35 -8.41
C PRO A 109 12.55 -17.73 -9.85
N ASN A 110 12.49 -19.01 -10.17
CA ASN A 110 12.78 -19.42 -11.54
C ASN A 110 11.53 -19.30 -12.41
N TYR A 111 11.24 -18.09 -12.87
CA TYR A 111 10.06 -17.84 -13.69
C TYR A 111 10.11 -18.59 -15.01
N ASN A 112 9.00 -19.25 -15.35
CA ASN A 112 8.86 -19.94 -16.63
C ASN A 112 8.35 -18.99 -17.70
N LEU A 113 7.64 -17.94 -17.26
CA LEU A 113 7.07 -16.93 -18.14
C LEU A 113 7.32 -15.53 -17.57
N ILE A 114 7.88 -14.64 -18.39
CA ILE A 114 8.13 -13.26 -18.00
C ILE A 114 7.42 -12.30 -18.98
N VAL A 115 6.50 -11.51 -18.45
CA VAL A 115 5.75 -10.51 -19.21
C VAL A 115 6.27 -9.13 -18.84
N MET A 116 6.92 -8.48 -19.79
CA MET A 116 7.39 -7.11 -19.55
C MET A 116 6.57 -6.10 -20.34
N ASP A 117 5.76 -5.33 -19.62
CA ASP A 117 5.01 -4.25 -20.25
C ASP A 117 5.92 -3.01 -20.41
N GLU A 118 5.74 -2.31 -21.52
CA GLU A 118 6.57 -1.15 -21.90
C GLU A 118 8.04 -1.56 -21.98
N ALA A 119 8.29 -2.53 -22.85
CA ALA A 119 9.61 -3.14 -22.99
C ALA A 119 10.63 -2.28 -23.77
N HIS A 120 10.32 -1.00 -23.98
CA HIS A 120 11.21 -0.07 -24.64
C HIS A 120 11.85 0.90 -23.62
N PHE A 121 11.30 0.92 -22.40
CA PHE A 121 11.70 1.83 -21.30
C PHE A 121 13.22 1.89 -21.20
N THR A 122 13.79 3.09 -21.41
CA THR A 122 15.26 3.28 -21.46
C THR A 122 15.96 3.48 -20.09
N ASP A 123 15.21 3.45 -19.00
CA ASP A 123 15.79 3.43 -17.66
C ASP A 123 16.83 2.30 -17.57
N PRO A 124 18.03 2.59 -17.02
CA PRO A 124 19.10 1.57 -17.07
C PRO A 124 18.74 0.20 -16.44
N CYS A 125 17.90 0.22 -15.40
CA CYS A 125 17.47 -1.03 -14.76
C CYS A 125 16.55 -1.85 -15.66
N SER A 126 15.74 -1.15 -16.47
CA SER A 126 14.82 -1.78 -17.39
C SER A 126 15.59 -2.41 -18.55
N VAL A 127 16.57 -1.66 -19.06
CA VAL A 127 17.45 -2.19 -20.11
C VAL A 127 18.21 -3.45 -19.61
N ALA A 128 18.78 -3.36 -18.41
CA ALA A 128 19.52 -4.49 -17.83
C ALA A 128 18.59 -5.70 -17.61
N ALA A 129 17.34 -5.43 -17.20
CA ALA A 129 16.34 -6.49 -17.01
C ALA A 129 16.05 -7.22 -18.32
N ARG A 130 15.94 -6.46 -19.40
CA ARG A 130 15.68 -7.01 -20.74
C ARG A 130 16.80 -7.90 -21.20
N GLY A 131 18.02 -7.53 -20.82
CA GLY A 131 19.21 -8.36 -21.02
C GLY A 131 19.06 -9.70 -20.33
N TYR A 132 18.79 -9.67 -19.03
CA TYR A 132 18.55 -10.89 -18.25
C TYR A 132 17.43 -11.78 -18.88
N ILE A 133 16.28 -11.19 -19.13
CA ILE A 133 15.12 -11.91 -19.68
C ILE A 133 15.41 -12.55 -21.03
N SER A 134 16.02 -11.81 -21.97
CA SER A 134 16.34 -12.39 -23.27
C SER A 134 17.39 -13.51 -23.19
N THR A 135 18.24 -13.46 -22.17
CA THR A 135 19.21 -14.54 -21.92
C THR A 135 18.51 -15.80 -21.38
N ARG A 136 17.58 -15.61 -20.45
CA ARG A 136 16.74 -16.70 -19.93
C ARG A 136 15.93 -17.41 -21.03
N VAL A 137 15.37 -16.64 -21.95
CA VAL A 137 14.70 -17.16 -23.14
C VAL A 137 15.66 -17.96 -24.04
N GLU A 138 16.77 -17.33 -24.41
CA GLU A 138 17.77 -17.92 -25.27
C GLU A 138 18.32 -19.24 -24.74
N MET A 139 18.49 -19.33 -23.42
CA MET A 139 19.00 -20.53 -22.75
C MET A 139 17.93 -21.62 -22.68
N GLY A 140 16.70 -21.26 -23.02
CA GLY A 140 15.58 -22.19 -23.01
C GLY A 140 14.98 -22.39 -21.63
N GLU A 141 15.20 -21.42 -20.73
CA GLU A 141 14.72 -21.50 -19.36
C GLU A 141 13.40 -20.78 -19.14
N ALA A 142 13.01 -19.94 -20.10
CA ALA A 142 11.74 -19.23 -20.03
C ALA A 142 11.21 -18.86 -21.40
N ALA A 143 9.95 -18.43 -21.40
CA ALA A 143 9.30 -17.79 -22.52
C ALA A 143 9.06 -16.36 -22.04
N ALA A 144 9.22 -15.38 -22.92
CA ALA A 144 8.97 -14.00 -22.55
C ALA A 144 8.13 -13.24 -23.57
N ILE A 145 7.41 -12.24 -23.07
CA ILE A 145 6.62 -11.40 -23.94
C ILE A 145 6.98 -9.96 -23.62
N PHE A 146 7.44 -9.24 -24.63
CA PHE A 146 7.73 -7.83 -24.52
C PHE A 146 6.60 -7.01 -25.18
N MET A 147 5.86 -6.26 -24.38
CA MET A 147 4.76 -5.45 -24.91
C MET A 147 5.17 -3.97 -24.96
N THR A 148 5.00 -3.35 -26.13
CA THR A 148 5.21 -1.90 -26.29
C THR A 148 4.74 -1.39 -27.64
N ALA A 149 4.10 -0.23 -27.62
CA ALA A 149 3.69 0.47 -28.83
C ALA A 149 4.89 1.08 -29.56
N THR A 150 6.02 1.18 -28.88
CA THR A 150 7.24 1.79 -29.45
C THR A 150 8.49 0.92 -29.21
N PRO A 151 8.58 -0.25 -29.87
CA PRO A 151 9.77 -1.11 -29.70
C PRO A 151 11.08 -0.40 -30.10
N PRO A 152 12.24 -0.90 -29.61
CA PRO A 152 13.49 -0.24 -29.97
C PRO A 152 13.64 -0.19 -31.48
N GLY A 153 14.08 0.96 -31.98
CA GLY A 153 14.08 1.19 -33.42
C GLY A 153 12.84 1.92 -33.89
N SER A 154 12.02 2.40 -32.96
CA SER A 154 10.85 3.25 -33.29
C SER A 154 11.27 4.65 -33.69
N ILE A 155 10.67 5.15 -34.77
CA ILE A 155 10.98 6.46 -35.30
C ILE A 155 9.75 7.35 -35.53
N ASP A 156 8.55 6.75 -35.48
CA ASP A 156 7.32 7.46 -35.86
C ASP A 156 6.63 8.07 -34.63
N PRO A 157 6.67 9.40 -34.51
CA PRO A 157 6.11 10.06 -33.32
C PRO A 157 4.58 10.13 -33.30
N PHE A 158 3.95 9.81 -34.43
CA PHE A 158 2.50 9.93 -34.54
C PHE A 158 1.83 8.63 -34.96
N PRO A 159 1.90 7.58 -34.11
CA PRO A 159 1.35 6.29 -34.52
C PRO A 159 -0.17 6.27 -34.55
N GLN A 160 -0.74 5.11 -34.94
CA GLN A 160 -2.17 4.92 -34.99
C GLN A 160 -2.79 5.07 -33.59
N SER A 161 -3.99 5.61 -33.54
CA SER A 161 -4.76 5.75 -32.30
C SER A 161 -6.18 5.21 -32.48
N ASN A 162 -6.87 4.96 -31.36
CA ASN A 162 -8.27 4.48 -31.41
C ASN A 162 -9.21 5.51 -32.02
N SER A 163 -8.90 6.78 -31.81
CA SER A 163 -9.72 7.90 -32.26
C SER A 163 -8.80 8.93 -32.94
N PRO A 164 -9.35 9.77 -33.85
CA PRO A 164 -8.52 10.77 -34.52
C PRO A 164 -7.90 11.76 -33.55
N ILE A 165 -6.61 12.08 -33.78
CA ILE A 165 -5.91 13.09 -32.99
C ILE A 165 -5.56 14.26 -33.87
N GLU A 166 -5.89 15.47 -33.40
CA GLU A 166 -5.46 16.69 -34.06
C GLU A 166 -4.10 17.11 -33.51
N ASP A 167 -3.07 16.96 -34.34
CA ASP A 167 -1.71 17.28 -33.95
C ASP A 167 -1.42 18.75 -34.25
N ILE A 168 -1.02 19.49 -33.23
CA ILE A 168 -0.83 20.95 -33.34
C ILE A 168 0.54 21.37 -32.82
N GLU A 169 1.32 22.06 -33.65
CA GLU A 169 2.59 22.60 -33.16
C GLU A 169 2.44 24.05 -32.73
N ARG A 170 2.82 24.31 -31.48
CA ARG A 170 2.73 25.63 -30.85
C ARG A 170 3.89 25.76 -29.90
N GLU A 171 4.29 27.01 -29.65
CA GLU A 171 5.18 27.33 -28.55
C GLU A 171 4.48 26.97 -27.23
N ILE A 172 5.21 26.31 -26.35
CA ILE A 172 4.70 25.92 -25.04
C ILE A 172 5.62 26.50 -23.95
N PRO A 173 5.02 27.20 -22.96
CA PRO A 173 5.79 27.77 -21.84
C PRO A 173 6.53 26.73 -21.01
N GLU A 174 7.76 27.07 -20.62
CA GLU A 174 8.54 26.23 -19.72
C GLU A 174 8.39 26.73 -18.28
N ARG A 175 8.02 28.00 -18.15
CA ARG A 175 7.85 28.64 -16.84
C ARG A 175 6.48 29.32 -16.78
N SER A 176 6.17 29.92 -15.63
CA SER A 176 4.98 30.76 -15.46
C SER A 176 4.90 31.77 -16.61
N TRP A 177 3.67 32.08 -17.01
CA TRP A 177 3.42 33.08 -18.05
C TRP A 177 2.37 34.05 -17.55
N ASN A 178 2.48 35.31 -17.98
CA ASN A 178 1.51 36.33 -17.62
C ASN A 178 0.40 36.45 -18.66
N THR A 179 0.80 36.29 -19.91
CA THR A 179 -0.01 36.73 -21.06
C THR A 179 0.48 36.06 -22.34
N GLY A 180 -0.43 35.89 -23.30
CA GLY A 180 -0.06 35.38 -24.63
C GLY A 180 -0.20 33.87 -24.85
N PHE A 181 -0.69 33.17 -23.83
CA PHE A 181 -0.88 31.72 -23.93
C PHE A 181 -2.33 31.36 -23.61
N ASP A 182 -3.25 32.15 -24.14
CA ASP A 182 -4.68 32.01 -23.86
C ASP A 182 -5.26 30.64 -24.26
N TRP A 183 -4.70 30.04 -25.32
CA TRP A 183 -5.16 28.72 -25.79
C TRP A 183 -5.08 27.64 -24.72
N ILE A 184 -4.26 27.88 -23.70
CA ILE A 184 -4.03 26.92 -22.63
C ILE A 184 -5.22 26.87 -21.67
N THR A 185 -5.66 28.05 -21.25
CA THR A 185 -6.71 28.19 -20.26
C THR A 185 -8.12 28.31 -20.85
N ASP A 186 -8.23 28.59 -22.16
CA ASP A 186 -9.53 28.72 -22.85
C ASP A 186 -10.12 27.38 -23.28
N TYR A 187 -9.26 26.37 -23.38
CA TYR A 187 -9.68 25.01 -23.69
C TYR A 187 -10.65 24.52 -22.64
N GLN A 188 -11.66 23.77 -23.09
CA GLN A 188 -12.78 23.39 -22.23
C GLN A 188 -12.65 22.01 -21.59
N GLY A 189 -11.83 21.15 -22.17
CA GLY A 189 -11.72 19.77 -21.71
C GLY A 189 -10.63 19.52 -20.69
N LYS A 190 -10.15 18.27 -20.65
CA LYS A 190 -9.14 17.85 -19.69
C LYS A 190 -7.76 17.74 -20.34
N THR A 191 -6.76 18.34 -19.70
CA THR A 191 -5.41 18.37 -20.24
C THR A 191 -4.38 17.63 -19.38
N VAL A 192 -3.52 16.86 -20.05
CA VAL A 192 -2.37 16.23 -19.42
C VAL A 192 -1.13 16.95 -19.95
N TRP A 193 -0.38 17.58 -19.05
CA TRP A 193 0.78 18.38 -19.44
C TRP A 193 2.04 17.72 -18.89
N PHE A 194 2.92 17.30 -19.79
CA PHE A 194 4.20 16.70 -19.40
C PHE A 194 5.26 17.77 -19.11
N VAL A 195 5.88 17.66 -17.94
CA VAL A 195 6.95 18.56 -17.47
C VAL A 195 8.23 17.76 -17.20
N PRO A 196 9.42 18.34 -17.52
CA PRO A 196 10.69 17.60 -17.39
C PRO A 196 11.18 17.41 -15.95
N SER A 197 10.59 18.15 -15.02
CA SER A 197 10.95 18.11 -13.61
C SER A 197 9.77 18.47 -12.71
N ILE A 198 9.83 18.02 -11.47
CA ILE A 198 8.79 18.32 -10.46
C ILE A 198 8.74 19.82 -10.18
N LYS A 199 9.93 20.43 -10.15
CA LYS A 199 10.09 21.86 -9.91
C LYS A 199 9.43 22.69 -11.04
N ALA A 200 9.67 22.31 -12.29
CA ALA A 200 9.00 22.92 -13.44
C ALA A 200 7.50 22.75 -13.33
N GLY A 201 7.09 21.55 -12.89
CA GLY A 201 5.67 21.20 -12.70
C GLY A 201 4.99 22.09 -11.67
N ASN A 202 5.62 22.24 -10.50
CA ASN A 202 5.15 23.14 -9.44
C ASN A 202 4.81 24.55 -9.95
N ASP A 203 5.74 25.12 -10.72
CA ASP A 203 5.60 26.47 -11.29
C ASP A 203 4.44 26.57 -12.27
N ILE A 204 4.33 25.59 -13.16
CA ILE A 204 3.24 25.55 -14.14
C ILE A 204 1.90 25.30 -13.46
N ALA A 205 1.90 24.39 -12.47
CA ALA A 205 0.68 24.02 -11.74
C ALA A 205 0.06 25.16 -10.93
N ASN A 206 0.89 25.98 -10.28
CA ASN A 206 0.36 27.11 -9.52
C ASN A 206 -0.12 28.26 -10.41
N CYS A 207 0.55 28.46 -11.55
CA CYS A 207 0.14 29.43 -12.57
C CYS A 207 -1.24 29.10 -13.15
N LEU A 208 -1.55 27.82 -13.30
CA LEU A 208 -2.87 27.40 -13.76
C LEU A 208 -3.95 27.59 -12.68
N ARG A 209 -3.56 27.40 -11.43
CA ARG A 209 -4.48 27.55 -10.29
C ARG A 209 -4.91 29.00 -10.01
N LYS A 210 -4.07 29.97 -10.38
CA LYS A 210 -4.48 31.38 -10.26
C LYS A 210 -5.48 31.77 -11.35
N SER A 211 -5.80 30.83 -12.23
CA SER A 211 -6.86 31.00 -13.21
C SER A 211 -8.12 30.22 -12.81
N GLY A 212 -8.06 29.55 -11.67
CA GLY A 212 -9.21 28.81 -11.14
C GLY A 212 -9.33 27.41 -11.70
N LYS A 213 -8.25 26.94 -12.30
CA LYS A 213 -8.18 25.59 -12.84
C LYS A 213 -7.89 24.59 -11.73
N ARG A 214 -8.58 23.47 -11.79
CA ARG A 214 -8.34 22.36 -10.88
C ARG A 214 -7.19 21.52 -11.45
N VAL A 215 -6.06 21.56 -10.75
CA VAL A 215 -4.82 20.97 -11.21
C VAL A 215 -4.38 19.84 -10.26
N ILE A 216 -4.08 18.68 -10.84
CA ILE A 216 -3.50 17.57 -10.08
C ILE A 216 -2.06 17.35 -10.55
N GLN A 217 -1.14 17.36 -9.59
CA GLN A 217 0.27 17.16 -9.89
C GLN A 217 0.71 15.71 -9.64
N LEU A 218 1.30 15.11 -10.67
CA LEU A 218 1.75 13.72 -10.59
C LEU A 218 3.25 13.60 -10.76
N SER A 219 3.85 12.84 -9.86
CA SER A 219 5.27 12.51 -9.92
C SER A 219 5.53 11.39 -8.91
N ARG A 220 6.78 10.95 -8.85
CA ARG A 220 7.21 9.96 -7.86
C ARG A 220 6.82 10.36 -6.42
N LYS A 221 6.81 11.67 -6.15
CA LYS A 221 6.57 12.20 -4.80
C LYS A 221 5.11 12.30 -4.40
N THR A 222 4.22 12.44 -5.38
CA THR A 222 2.80 12.65 -5.11
C THR A 222 1.89 11.53 -5.64
N PHE A 223 2.48 10.47 -6.19
CA PHE A 223 1.66 9.42 -6.83
C PHE A 223 0.58 8.81 -5.91
N ASP A 224 0.95 8.53 -4.68
CA ASP A 224 0.08 7.75 -3.79
C ASP A 224 -1.26 8.42 -3.46
N THR A 225 -1.22 9.73 -3.22
CA THR A 225 -2.43 10.49 -2.92
C THR A 225 -3.13 10.95 -4.20
N GLU A 226 -2.33 11.34 -5.20
CA GLU A 226 -2.83 12.04 -6.38
C GLU A 226 -3.34 11.19 -7.56
N TYR A 227 -2.79 9.98 -7.76
CA TYR A 227 -3.26 9.13 -8.86
C TYR A 227 -4.73 8.68 -8.74
N PRO A 228 -5.18 8.30 -7.52
CA PRO A 228 -6.61 7.98 -7.41
C PRO A 228 -7.52 9.17 -7.73
N LYS A 229 -7.04 10.39 -7.45
CA LYS A 229 -7.76 11.61 -7.78
C LYS A 229 -7.89 11.85 -9.29
N THR A 230 -6.99 11.26 -10.08
CA THR A 230 -7.14 11.32 -11.53
C THR A 230 -8.26 10.38 -12.02
N LYS A 231 -8.67 9.46 -11.13
CA LYS A 231 -9.65 8.41 -11.46
C LYS A 231 -11.09 8.70 -11.00
N LEU A 232 -11.24 9.36 -9.85
CA LEU A 232 -12.48 9.25 -9.03
C LEU A 232 -13.78 10.11 -9.20
N THR A 233 -13.86 11.45 -9.37
CA THR A 233 -12.91 12.63 -9.36
C THR A 233 -12.74 13.38 -10.68
N ASP A 234 -13.28 14.61 -10.69
CA ASP A 234 -13.21 15.54 -11.83
C ASP A 234 -12.12 16.62 -11.67
N TRP A 235 -11.39 16.89 -12.75
CA TRP A 235 -10.26 17.83 -12.74
C TRP A 235 -10.10 18.50 -14.09
N ASP A 236 -9.24 19.52 -14.15
CA ASP A 236 -8.97 20.24 -15.40
C ASP A 236 -7.61 19.89 -16.02
N PHE A 237 -6.55 19.94 -15.20
CA PHE A 237 -5.20 19.67 -15.67
C PHE A 237 -4.53 18.60 -14.82
N VAL A 238 -3.83 17.68 -15.48
CA VAL A 238 -2.80 16.87 -14.81
C VAL A 238 -1.45 17.38 -15.29
N VAL A 239 -0.65 17.90 -14.35
CA VAL A 239 0.70 18.30 -14.65
C VAL A 239 1.58 17.20 -14.11
N THR A 240 2.27 16.52 -15.00
CA THR A 240 2.93 15.28 -14.63
C THR A 240 4.33 15.19 -15.22
N THR A 241 5.20 14.48 -14.51
CA THR A 241 6.49 14.06 -15.03
C THR A 241 6.25 12.83 -15.92
N ASP A 242 7.35 12.26 -16.39
CA ASP A 242 7.33 11.04 -17.18
C ASP A 242 6.82 9.81 -16.45
N ILE A 243 6.47 9.96 -15.17
CA ILE A 243 5.84 8.85 -14.44
C ILE A 243 4.58 8.38 -15.18
N SER A 244 3.94 9.32 -15.87
CA SER A 244 2.67 9.08 -16.60
C SER A 244 2.84 8.90 -18.11
N GLU A 245 4.08 8.90 -18.59
CA GLU A 245 4.36 8.84 -20.04
C GLU A 245 3.80 7.57 -20.68
N MET A 246 3.91 6.46 -19.96
CA MET A 246 3.45 5.16 -20.45
C MET A 246 2.18 4.72 -19.73
N GLY A 247 1.29 4.07 -20.49
CA GLY A 247 0.24 3.24 -19.93
C GLY A 247 -0.98 3.89 -19.28
N ALA A 248 -0.87 5.18 -18.94
CA ALA A 248 -1.93 5.88 -18.22
C ALA A 248 -3.22 5.97 -19.06
N ASN A 249 -4.35 5.81 -18.38
CA ASN A 249 -5.69 5.94 -18.97
C ASN A 249 -6.47 7.08 -18.33
N PHE A 250 -6.11 8.31 -18.71
CA PHE A 250 -6.57 9.52 -18.02
C PHE A 250 -7.97 9.98 -18.44
N ARG A 251 -8.52 9.39 -19.49
CA ARG A 251 -9.82 9.81 -20.03
C ARG A 251 -9.80 11.33 -20.31
N ALA A 252 -8.71 11.80 -20.90
CA ALA A 252 -8.50 13.22 -21.15
C ALA A 252 -8.75 13.60 -22.60
N GLY A 253 -8.79 14.90 -22.85
CA GLY A 253 -9.05 15.44 -24.19
C GLY A 253 -7.82 15.99 -24.89
N ARG A 254 -6.81 16.42 -24.14
CA ARG A 254 -5.63 17.08 -24.73
C ARG A 254 -4.33 16.73 -24.01
N VAL A 255 -3.25 16.54 -24.78
CA VAL A 255 -1.88 16.49 -24.22
C VAL A 255 -1.13 17.75 -24.65
N ILE A 256 -0.42 18.35 -23.70
CA ILE A 256 0.52 19.44 -23.99
C ILE A 256 1.89 18.81 -23.75
N ASP A 257 2.72 18.82 -24.78
CA ASP A 257 4.01 18.14 -24.73
C ASP A 257 5.12 19.06 -25.29
N PRO A 258 5.88 19.71 -24.39
CA PRO A 258 6.99 20.53 -24.85
C PRO A 258 8.13 19.70 -25.46
N ARG A 259 8.07 18.37 -25.30
CA ARG A 259 9.01 17.45 -25.94
C ARG A 259 10.46 17.72 -25.53
N ARG A 260 10.64 18.09 -24.25
CA ARG A 260 11.94 18.45 -23.71
C ARG A 260 12.26 17.58 -22.51
N CYS A 261 13.56 17.43 -22.25
CA CYS A 261 14.05 16.64 -21.12
C CYS A 261 15.51 16.98 -20.83
N LEU A 262 15.89 16.87 -19.56
CA LEU A 262 17.30 16.87 -19.20
C LEU A 262 17.82 15.45 -19.39
N LYS A 263 19.11 15.33 -19.69
CA LYS A 263 19.72 14.04 -19.98
C LYS A 263 21.08 13.95 -19.26
N PRO A 264 21.26 12.94 -18.38
CA PRO A 264 22.62 12.72 -17.87
C PRO A 264 23.55 12.23 -18.98
N VAL A 265 24.77 12.75 -18.99
CA VAL A 265 25.77 12.42 -20.00
C VAL A 265 27.13 12.17 -19.37
N ILE A 266 27.74 11.04 -19.71
CA ILE A 266 29.10 10.77 -19.29
C ILE A 266 30.07 11.49 -20.21
N LEU A 267 30.86 12.38 -19.64
CA LEU A 267 31.88 13.12 -20.36
C LEU A 267 33.21 12.38 -20.29
N THR A 268 33.85 12.22 -21.44
CA THR A 268 35.13 11.50 -21.56
C THR A 268 36.34 12.42 -21.71
N ASP A 269 36.12 13.64 -22.19
CA ASP A 269 37.21 14.61 -22.37
C ASP A 269 37.65 15.14 -21.02
N GLY A 270 38.86 14.77 -20.61
CA GLY A 270 39.36 15.07 -19.27
C GLY A 270 38.90 13.99 -18.29
N PRO A 271 38.89 14.29 -16.98
CA PRO A 271 38.45 13.27 -16.00
C PRO A 271 36.97 12.93 -16.15
N GLU A 272 36.66 11.63 -16.21
CA GLU A 272 35.32 11.16 -16.48
C GLU A 272 34.34 11.68 -15.43
N ARG A 273 33.21 12.21 -15.90
CA ARG A 273 32.19 12.77 -15.02
C ARG A 273 30.82 12.81 -15.67
N VAL A 274 29.79 12.98 -14.86
CA VAL A 274 28.41 13.03 -15.39
C VAL A 274 27.84 14.43 -15.23
N ILE A 275 27.31 14.95 -16.34
CA ILE A 275 26.66 16.26 -16.37
C ILE A 275 25.19 16.06 -16.70
N LEU A 276 24.38 17.07 -16.40
CA LEU A 276 22.99 17.08 -16.81
C LEU A 276 22.84 18.03 -17.99
N ALA A 277 22.65 17.44 -19.17
CA ALA A 277 22.64 18.18 -20.42
C ALA A 277 21.22 18.55 -20.79
N GLY A 278 21.05 19.68 -21.47
CA GLY A 278 19.76 20.09 -21.94
C GLY A 278 19.18 21.30 -21.24
N PRO A 279 17.85 21.50 -21.36
CA PRO A 279 16.88 20.58 -21.97
C PRO A 279 17.14 20.29 -23.45
N ILE A 280 17.04 19.01 -23.81
CA ILE A 280 17.20 18.52 -25.18
C ILE A 280 15.85 17.90 -25.60
N PRO A 281 15.58 17.83 -26.93
CA PRO A 281 14.37 17.13 -27.38
C PRO A 281 14.28 15.68 -26.90
N VAL A 282 13.06 15.23 -26.60
CA VAL A 282 12.80 13.82 -26.29
C VAL A 282 12.98 12.93 -27.53
N THR A 283 13.05 11.62 -27.30
CA THR A 283 13.09 10.63 -28.40
C THR A 283 11.73 10.53 -29.06
N PRO A 284 11.69 10.03 -30.31
CA PRO A 284 10.42 9.74 -31.01
C PRO A 284 9.49 8.82 -30.21
N ALA A 285 10.06 7.84 -29.51
CA ALA A 285 9.28 6.91 -28.68
C ALA A 285 8.57 7.63 -27.55
N SER A 286 9.30 8.49 -26.84
CA SER A 286 8.72 9.27 -25.76
C SER A 286 7.64 10.21 -26.29
N ALA A 287 7.91 10.91 -27.39
CA ALA A 287 6.88 11.75 -28.06
C ALA A 287 5.60 10.95 -28.37
N ALA A 288 5.78 9.81 -29.03
CA ALA A 288 4.65 8.92 -29.37
C ALA A 288 3.88 8.35 -28.14
N GLN A 289 4.62 7.98 -27.10
CA GLN A 289 3.99 7.51 -25.84
C GLN A 289 3.16 8.59 -25.17
N ARG A 290 3.71 9.81 -25.13
CA ARG A 290 3.04 10.97 -24.54
C ARG A 290 1.77 11.34 -25.32
N ARG A 291 1.91 11.48 -26.63
CA ARG A 291 0.75 11.63 -27.52
C ARG A 291 -0.29 10.54 -27.30
N GLY A 292 0.20 9.32 -27.07
CA GLY A 292 -0.67 8.14 -26.91
C GLY A 292 -1.64 8.21 -25.75
N ARG A 293 -1.41 9.12 -24.80
CA ARG A 293 -2.33 9.31 -23.68
C ARG A 293 -3.72 9.85 -24.11
N ILE A 294 -3.80 10.46 -25.29
CA ILE A 294 -5.13 10.84 -25.85
C ILE A 294 -5.44 10.13 -27.18
N GLY A 295 -6.61 10.41 -27.77
CA GLY A 295 -7.14 9.65 -28.92
C GLY A 295 -7.46 8.19 -28.57
N ARG A 296 -7.72 7.93 -27.28
CA ARG A 296 -7.90 6.55 -26.79
C ARG A 296 -9.37 6.07 -26.75
N ASN A 297 -10.30 7.00 -26.96
CA ASN A 297 -11.72 6.68 -26.91
C ASN A 297 -12.39 6.94 -28.27
N PRO A 298 -12.79 5.87 -29.00
CA PRO A 298 -13.39 6.08 -30.32
C PRO A 298 -14.68 6.92 -30.29
N ALA A 299 -15.32 6.99 -29.12
CA ALA A 299 -16.53 7.81 -28.93
C ALA A 299 -16.23 9.30 -28.73
N GLN A 300 -14.95 9.62 -28.58
CA GLN A 300 -14.48 10.97 -28.33
C GLN A 300 -13.47 11.33 -29.42
N GLU A 301 -13.93 12.09 -30.41
CA GLU A 301 -13.21 12.25 -31.69
C GLU A 301 -12.40 13.53 -31.87
N ASP A 302 -12.48 14.45 -30.92
CA ASP A 302 -11.83 15.77 -31.11
C ASP A 302 -10.58 15.98 -30.27
N ASP A 303 -9.90 14.90 -29.88
CA ASP A 303 -8.71 15.01 -29.02
C ASP A 303 -7.57 15.76 -29.70
N GLN A 304 -6.75 16.42 -28.89
CA GLN A 304 -5.62 17.20 -29.38
C GLN A 304 -4.27 16.81 -28.74
N TYR A 305 -3.22 16.83 -29.57
CA TYR A 305 -1.86 16.74 -29.11
C TYR A 305 -1.16 18.06 -29.49
N VAL A 306 -0.82 18.86 -28.48
CA VAL A 306 -0.11 20.12 -28.68
C VAL A 306 1.35 19.89 -28.30
N PHE A 307 2.23 20.06 -29.27
CA PHE A 307 3.65 19.79 -29.10
C PHE A 307 4.51 20.94 -29.62
N SER A 308 5.79 20.92 -29.26
CA SER A 308 6.72 21.95 -29.67
C SER A 308 8.03 21.31 -30.14
N GLY A 309 8.34 21.47 -31.41
CA GLY A 309 9.63 21.01 -31.92
C GLY A 309 9.69 19.54 -32.32
N ASP A 310 10.80 19.17 -32.93
CA ASP A 310 11.00 17.80 -33.39
C ASP A 310 11.66 16.95 -32.32
N PRO A 311 11.40 15.63 -32.34
CA PRO A 311 12.15 14.76 -31.42
C PRO A 311 13.58 14.57 -31.89
N LEU A 312 14.42 14.00 -31.02
CA LEU A 312 15.80 13.70 -31.30
C LEU A 312 16.00 12.22 -31.02
N LYS A 313 16.14 11.43 -32.09
CA LYS A 313 16.25 9.97 -31.93
C LYS A 313 17.59 9.52 -31.31
N ASN A 314 18.67 10.20 -31.68
CA ASN A 314 20.00 9.85 -31.20
C ASN A 314 20.17 10.17 -29.71
N ASP A 315 20.13 9.14 -28.87
CA ASP A 315 20.35 9.30 -27.43
C ASP A 315 21.56 8.46 -26.99
N GLU A 316 22.49 8.26 -27.91
CA GLU A 316 23.68 7.45 -27.64
C GLU A 316 24.67 8.09 -26.65
N ASP A 317 24.47 9.36 -26.32
CA ASP A 317 25.31 9.96 -25.27
C ASP A 317 24.67 9.91 -23.87
N HIS A 318 23.42 9.45 -23.80
CA HIS A 318 22.70 9.32 -22.55
C HIS A 318 23.41 8.28 -21.69
N ALA A 319 23.58 8.61 -20.41
CA ALA A 319 24.33 7.76 -19.49
C ALA A 319 23.66 6.40 -19.28
N HIS A 320 22.37 6.28 -19.62
CA HIS A 320 21.64 5.03 -19.38
C HIS A 320 22.17 3.78 -20.11
N TRP A 321 22.75 3.95 -21.29
CA TRP A 321 23.32 2.80 -22.01
C TRP A 321 24.55 2.26 -21.27
N THR A 322 25.41 3.15 -20.77
CA THR A 322 26.55 2.71 -19.93
C THR A 322 26.07 2.12 -18.60
N GLU A 323 25.12 2.80 -17.95
CA GLU A 323 24.67 2.38 -16.62
C GLU A 323 23.95 1.04 -16.67
N ALA A 324 23.34 0.74 -17.81
CA ALA A 324 22.68 -0.56 -18.00
C ALA A 324 23.74 -1.68 -18.03
N LYS A 325 24.87 -1.42 -18.68
CA LYS A 325 25.96 -2.40 -18.72
C LYS A 325 26.63 -2.62 -17.37
N MET A 326 26.72 -1.55 -16.57
CA MET A 326 27.27 -1.61 -15.23
C MET A 326 26.43 -2.52 -14.32
N LEU A 327 25.11 -2.44 -14.48
CA LEU A 327 24.18 -3.33 -13.75
C LEU A 327 24.27 -4.75 -14.30
N LEU A 328 24.14 -4.90 -15.63
CA LEU A 328 24.06 -6.22 -16.26
C LEU A 328 25.36 -7.03 -16.16
N ASP A 329 26.50 -6.36 -16.10
CA ASP A 329 27.81 -7.02 -15.92
C ASP A 329 27.94 -7.63 -14.52
N ASN A 330 27.00 -7.29 -13.65
CA ASN A 330 26.99 -7.75 -12.27
C ASN A 330 25.76 -8.62 -11.91
N ILE A 331 25.05 -9.06 -12.96
CA ILE A 331 23.92 -9.98 -12.84
C ILE A 331 24.31 -11.34 -13.44
N TYR A 332 23.85 -12.42 -12.81
CA TYR A 332 24.16 -13.77 -13.25
C TYR A 332 22.90 -14.63 -13.38
N THR A 333 23.01 -15.73 -14.13
CA THR A 333 21.98 -16.75 -14.16
C THR A 333 22.47 -17.93 -13.31
N PRO A 334 21.55 -18.78 -12.81
CA PRO A 334 21.98 -19.87 -11.92
C PRO A 334 23.01 -20.81 -12.57
N GLU A 335 23.03 -20.84 -13.89
CA GLU A 335 23.94 -21.69 -14.66
C GLU A 335 25.33 -21.04 -14.82
N GLY A 336 25.46 -19.81 -14.34
CA GLY A 336 26.75 -19.13 -14.28
C GLY A 336 26.95 -17.96 -15.22
N ILE A 337 26.20 -17.95 -16.32
CA ILE A 337 26.37 -16.96 -17.41
C ILE A 337 25.89 -15.54 -17.09
N ILE A 338 26.75 -14.55 -17.35
CA ILE A 338 26.38 -13.14 -17.31
C ILE A 338 25.54 -12.85 -18.57
N PRO A 339 24.33 -12.29 -18.38
CA PRO A 339 23.44 -11.93 -19.48
C PRO A 339 24.04 -10.90 -20.45
N THR A 340 23.64 -10.98 -21.70
CA THR A 340 23.96 -9.97 -22.70
C THR A 340 22.73 -9.11 -22.94
N LEU A 341 22.92 -7.86 -23.38
CA LEU A 341 21.81 -6.96 -23.67
C LEU A 341 20.88 -7.53 -24.74
N PHE A 342 19.58 -7.26 -24.58
CA PHE A 342 18.59 -7.57 -25.61
C PHE A 342 19.11 -7.05 -26.95
N GLY A 343 18.98 -7.89 -27.99
CA GLY A 343 19.53 -7.65 -29.33
C GLY A 343 19.56 -6.23 -29.90
N PRO A 344 18.38 -5.61 -30.09
CA PRO A 344 18.29 -4.24 -30.66
C PRO A 344 18.96 -3.17 -29.79
N GLU A 345 19.41 -3.53 -28.59
CA GLU A 345 20.01 -2.57 -27.66
C GLU A 345 21.51 -2.78 -27.48
N ARG A 346 22.09 -3.65 -28.30
CA ARG A 346 23.54 -3.89 -28.29
C ARG A 346 24.28 -2.82 -29.08
N GLU A 347 25.49 -2.53 -28.65
CA GLU A 347 26.36 -1.54 -29.30
C GLU A 347 25.76 -0.13 -29.41
N LYS A 348 25.03 0.26 -28.37
CA LYS A 348 24.63 1.66 -28.20
C LYS A 348 25.82 2.43 -27.60
N THR A 349 26.57 1.75 -26.73
CA THR A 349 27.91 2.18 -26.35
C THR A 349 28.94 1.15 -26.86
N GLN A 350 30.20 1.56 -26.93
CA GLN A 350 31.26 0.69 -27.42
C GLN A 350 31.81 -0.22 -26.30
N ALA A 351 31.07 -1.30 -26.02
CA ALA A 351 31.53 -2.40 -25.15
C ALA A 351 32.11 -1.90 -23.80
N ILE A 352 33.12 -2.55 -23.22
CA ILE A 352 33.68 -3.85 -23.62
C ILE A 352 33.02 -4.95 -22.78
N ASP A 353 32.70 -6.08 -23.41
CA ASP A 353 32.09 -7.22 -22.71
C ASP A 353 32.76 -7.46 -21.35
N GLY A 354 31.96 -7.40 -20.28
CA GLY A 354 32.45 -7.71 -18.93
C GLY A 354 33.35 -6.67 -18.27
N GLU A 355 33.51 -5.52 -18.93
CA GLU A 355 34.29 -4.39 -18.41
C GLU A 355 33.88 -3.92 -17.01
N PHE A 356 32.60 -4.08 -16.67
CA PHE A 356 32.07 -3.55 -15.41
C PHE A 356 31.85 -4.56 -14.28
N ARG A 357 32.22 -5.83 -14.50
CA ARG A 357 32.01 -6.83 -13.44
C ARG A 357 32.89 -6.57 -12.21
N LEU A 358 32.23 -6.57 -11.06
CA LEU A 358 32.87 -6.29 -9.79
C LEU A 358 33.00 -7.58 -9.00
N ARG A 359 34.04 -7.67 -8.19
CA ARG A 359 34.36 -8.90 -7.46
C ARG A 359 34.09 -8.74 -5.98
N GLY A 360 33.60 -9.80 -5.35
CA GLY A 360 33.49 -9.89 -3.88
C GLY A 360 32.70 -8.77 -3.21
N GLU A 361 33.36 -8.06 -2.32
CA GLU A 361 32.76 -6.96 -1.55
C GLU A 361 32.41 -5.76 -2.42
N GLN A 362 33.11 -5.62 -3.54
CA GLN A 362 32.88 -4.50 -4.45
C GLN A 362 31.47 -4.51 -5.06
N ARG A 363 30.95 -5.70 -5.36
CA ARG A 363 29.59 -5.85 -5.87
C ARG A 363 28.55 -5.49 -4.81
N LYS A 364 28.73 -5.99 -3.59
CA LYS A 364 27.85 -5.68 -2.46
C LYS A 364 27.84 -4.18 -2.14
N THR A 365 29.01 -3.54 -2.16
CA THR A 365 29.11 -2.10 -1.94
C THR A 365 28.37 -1.35 -3.07
N PHE A 366 28.60 -1.79 -4.31
CA PHE A 366 27.96 -1.18 -5.49
C PHE A 366 26.45 -1.11 -5.29
N VAL A 367 25.86 -2.24 -4.92
CA VAL A 367 24.43 -2.34 -4.65
C VAL A 367 23.97 -1.46 -3.47
N GLU A 368 24.72 -1.52 -2.37
CA GLU A 368 24.45 -0.69 -1.20
C GLU A 368 24.42 0.80 -1.55
N LEU A 369 25.43 1.26 -2.29
CA LEU A 369 25.52 2.68 -2.68
C LEU A 369 24.28 3.17 -3.42
N MET A 370 23.70 2.29 -4.25
CA MET A 370 22.50 2.63 -5.01
C MET A 370 21.23 2.58 -4.14
N ARG A 371 21.05 1.45 -3.45
CA ARG A 371 19.88 1.16 -2.61
C ARG A 371 19.80 1.98 -1.30
N ARG A 372 20.91 2.03 -0.55
CA ARG A 372 20.96 2.76 0.74
C ARG A 372 21.45 4.19 0.59
N GLY A 373 22.47 4.39 -0.23
CA GLY A 373 23.08 5.71 -0.43
C GLY A 373 22.29 6.61 -1.36
N ASP A 374 21.32 6.03 -2.07
CA ASP A 374 20.56 6.72 -3.12
C ASP A 374 21.43 7.43 -4.17
N LEU A 375 22.54 6.81 -4.54
CA LEU A 375 23.46 7.39 -5.53
C LEU A 375 23.22 6.83 -6.93
N PRO A 376 23.48 7.64 -7.98
CA PRO A 376 23.29 7.12 -9.34
C PRO A 376 24.16 5.89 -9.65
N VAL A 377 23.78 5.13 -10.68
CA VAL A 377 24.52 3.93 -11.05
C VAL A 377 26.01 4.24 -11.32
N TRP A 378 26.29 5.29 -12.10
CA TRP A 378 27.67 5.62 -12.52
C TRP A 378 28.53 5.93 -11.30
N LEU A 379 28.02 6.76 -10.40
CA LEU A 379 28.75 7.17 -9.21
C LEU A 379 28.98 6.00 -8.25
N SER A 380 27.95 5.17 -8.07
CA SER A 380 28.06 3.97 -7.24
C SER A 380 29.11 3.04 -7.80
N TYR A 381 29.11 2.85 -9.12
CA TYR A 381 30.15 2.03 -9.78
C TYR A 381 31.57 2.54 -9.57
N LYS A 382 31.75 3.84 -9.77
CA LYS A 382 33.04 4.48 -9.54
C LYS A 382 33.55 4.30 -8.10
N VAL A 383 32.68 4.50 -7.11
CA VAL A 383 33.10 4.34 -5.70
C VAL A 383 33.42 2.88 -5.37
N ALA A 384 32.50 1.98 -5.73
CA ALA A 384 32.69 0.55 -5.48
C ALA A 384 33.98 0.01 -6.10
N SER A 385 34.22 0.36 -7.37
CA SER A 385 35.34 -0.21 -8.13
C SER A 385 36.70 0.29 -7.66
N ALA A 386 36.69 1.33 -6.84
CA ALA A 386 37.87 1.89 -6.18
C ALA A 386 38.20 1.14 -4.88
N GLY A 387 37.41 0.14 -4.54
CA GLY A 387 37.62 -0.67 -3.34
C GLY A 387 37.28 0.08 -2.06
N ILE A 388 36.39 1.05 -2.19
CA ILE A 388 35.90 1.83 -1.05
C ILE A 388 34.71 1.11 -0.42
N SER A 389 34.72 1.02 0.90
CA SER A 389 33.61 0.44 1.68
C SER A 389 32.44 1.42 1.73
N TYR A 390 31.22 0.92 1.88
CA TYR A 390 30.01 1.78 1.90
C TYR A 390 30.05 2.92 2.93
N LYS A 391 30.46 2.63 4.15
CA LYS A 391 30.45 3.66 5.20
C LYS A 391 31.62 4.62 5.13
N ASP A 392 32.55 4.39 4.20
CA ASP A 392 33.77 5.20 4.10
C ASP A 392 33.56 6.39 3.15
N ARG A 393 33.37 7.57 3.73
CA ARG A 393 32.98 8.77 2.97
C ARG A 393 34.14 9.73 2.67
N GLU A 394 35.38 9.26 2.86
CA GLU A 394 36.58 10.08 2.58
C GLU A 394 36.60 10.58 1.13
N TRP A 395 36.16 9.73 0.21
CA TRP A 395 36.08 10.10 -1.21
C TRP A 395 35.26 11.36 -1.50
N CYS A 396 34.32 11.71 -0.61
CA CYS A 396 33.52 12.95 -0.74
C CYS A 396 34.31 14.25 -0.50
N PHE A 397 35.55 14.12 -0.04
CA PHE A 397 36.35 15.30 0.34
C PHE A 397 37.73 15.36 -0.34
N THR A 398 38.06 14.34 -1.14
CA THR A 398 39.43 14.18 -1.64
C THR A 398 39.59 14.46 -3.13
N GLY A 399 38.54 14.97 -3.76
CA GLY A 399 38.62 15.35 -5.17
C GLY A 399 39.54 16.51 -5.40
N GLU A 400 39.91 16.68 -6.68
CA GLU A 400 40.72 17.82 -7.11
C GLU A 400 39.97 19.13 -6.89
N ARG A 401 40.74 20.22 -6.88
CA ARG A 401 40.25 21.57 -6.63
C ARG A 401 38.98 21.92 -7.44
N ASN A 402 38.97 21.54 -8.72
CA ASN A 402 37.82 21.74 -9.61
C ASN A 402 36.54 21.03 -9.21
N ASN A 403 36.67 20.00 -8.37
CA ASN A 403 35.49 19.23 -7.93
C ASN A 403 34.76 19.81 -6.71
N GLN A 404 35.20 20.97 -6.24
CA GLN A 404 34.52 21.65 -5.15
C GLN A 404 33.10 21.97 -5.58
N ILE A 405 32.15 21.66 -4.71
CA ILE A 405 30.74 21.85 -4.99
C ILE A 405 30.32 23.20 -4.45
N LEU A 406 29.59 23.94 -5.26
CA LEU A 406 29.10 25.25 -4.92
C LEU A 406 27.60 25.24 -4.84
N GLU A 407 27.08 26.04 -3.90
CA GLU A 407 25.66 26.26 -3.69
C GLU A 407 25.46 27.75 -3.40
N GLU A 408 24.53 28.39 -4.10
CA GLU A 408 24.40 29.87 -4.07
C GLU A 408 25.77 30.57 -4.17
N ASN A 409 26.64 30.04 -5.03
CA ASN A 409 27.98 30.58 -5.29
C ASN A 409 28.97 30.47 -4.12
N MET A 410 28.61 29.66 -3.12
CA MET A 410 29.47 29.49 -1.95
C MET A 410 29.91 28.03 -1.86
N GLU A 411 31.15 27.85 -1.41
CA GLU A 411 31.71 26.52 -1.23
C GLU A 411 30.90 25.76 -0.18
N VAL A 412 30.35 24.64 -0.58
CA VAL A 412 29.59 23.77 0.31
C VAL A 412 30.51 23.14 1.38
N GLU A 413 30.16 23.37 2.65
CA GLU A 413 30.82 22.76 3.81
C GLU A 413 29.93 21.67 4.39
N ILE A 414 30.57 20.62 4.93
CA ILE A 414 29.87 19.51 5.55
C ILE A 414 30.41 19.30 6.98
N TRP A 415 29.49 19.15 7.93
CA TRP A 415 29.84 18.80 9.30
C TRP A 415 29.58 17.30 9.45
N THR A 416 30.67 16.55 9.63
CA THR A 416 30.58 15.09 9.61
C THR A 416 29.93 14.60 10.90
N ARG A 417 29.56 13.31 10.92
CA ARG A 417 29.04 12.70 12.16
C ARG A 417 30.06 12.71 13.31
N GLU A 418 31.36 12.77 12.99
CA GLU A 418 32.41 12.93 14.01
C GLU A 418 32.60 14.39 14.40
N GLY A 419 32.01 15.28 13.62
CA GLY A 419 32.08 16.72 13.89
C GLY A 419 33.25 17.43 13.24
N GLU A 420 33.77 16.87 12.15
CA GLU A 420 34.76 17.57 11.35
C GLU A 420 34.02 18.46 10.40
N LYS A 421 34.57 19.64 10.12
CA LYS A 421 34.05 20.53 9.07
C LYS A 421 34.92 20.40 7.84
N LYS A 422 34.34 19.93 6.74
CA LYS A 422 35.10 19.66 5.52
C LYS A 422 34.36 20.20 4.32
N LYS A 423 35.10 20.71 3.34
CA LYS A 423 34.53 21.16 2.08
C LYS A 423 34.12 19.96 1.22
N LEU A 424 32.93 20.03 0.67
CA LEU A 424 32.40 19.00 -0.21
C LEU A 424 33.09 19.08 -1.57
N ARG A 425 33.86 18.04 -1.90
CA ARG A 425 34.78 18.07 -3.01
C ARG A 425 35.03 16.60 -3.36
N PRO A 426 34.03 15.95 -3.97
CA PRO A 426 34.05 14.51 -4.26
C PRO A 426 35.06 14.14 -5.34
N LYS A 427 35.65 12.95 -5.18
CA LYS A 427 36.60 12.45 -6.15
C LYS A 427 35.95 12.26 -7.53
N TRP A 428 34.69 11.81 -7.53
CA TRP A 428 33.93 11.69 -8.78
C TRP A 428 32.75 12.67 -8.78
N LEU A 429 32.56 13.35 -9.92
CA LEU A 429 31.46 14.30 -10.11
C LEU A 429 30.35 13.68 -10.93
N ASP A 430 29.16 13.65 -10.33
CA ASP A 430 27.93 13.27 -11.02
C ASP A 430 26.92 14.39 -10.69
N ALA A 431 26.54 15.17 -11.70
CA ALA A 431 25.67 16.33 -11.52
C ALA A 431 24.32 15.97 -10.91
N ARG A 432 23.92 14.70 -11.00
CA ARG A 432 22.64 14.27 -10.46
C ARG A 432 22.60 14.40 -8.94
N VAL A 433 23.75 14.39 -8.27
CA VAL A 433 23.79 14.55 -6.82
C VAL A 433 24.00 15.98 -6.33
N TYR A 434 24.22 16.95 -7.23
CA TYR A 434 24.45 18.32 -6.80
C TYR A 434 23.64 19.41 -7.52
N ALA A 435 23.11 19.10 -8.70
CA ALA A 435 22.39 20.11 -9.52
C ALA A 435 21.12 20.64 -8.84
N ASP A 436 20.17 19.74 -8.61
CA ASP A 436 18.96 20.14 -7.90
C ASP A 436 19.29 20.33 -6.40
N PRO A 437 18.81 21.43 -5.80
CA PRO A 437 19.06 21.67 -4.37
C PRO A 437 18.57 20.54 -3.43
N MET A 438 17.47 19.87 -3.78
CA MET A 438 16.97 18.75 -2.99
C MET A 438 17.88 17.53 -3.10
N ALA A 439 18.36 17.24 -4.31
CA ALA A 439 19.38 16.20 -4.52
C ALA A 439 20.68 16.54 -3.76
N LEU A 440 21.10 17.80 -3.80
CA LEU A 440 22.29 18.22 -3.06
C LEU A 440 22.12 18.01 -1.56
N LYS A 441 20.97 18.42 -1.03
CA LYS A 441 20.64 18.19 0.38
C LYS A 441 20.81 16.72 0.79
N ASP A 442 20.35 15.80 -0.07
CA ASP A 442 20.49 14.38 0.21
C ASP A 442 21.94 13.89 0.13
N PHE A 443 22.67 14.43 -0.84
CA PHE A 443 24.09 14.10 -1.01
C PHE A 443 24.97 14.63 0.15
N LYS A 444 24.58 15.77 0.71
CA LYS A 444 25.21 16.33 1.92
C LYS A 444 25.00 15.43 3.15
N GLU A 445 23.81 14.85 3.26
CA GLU A 445 23.52 13.89 4.32
C GLU A 445 24.39 12.65 4.14
N PHE A 446 24.56 12.20 2.89
CA PHE A 446 25.45 11.08 2.58
C PHE A 446 26.88 11.39 3.00
N ALA A 447 27.37 12.56 2.60
CA ALA A 447 28.74 13.00 2.89
C ALA A 447 29.01 13.12 4.38
N SER A 448 28.01 13.58 5.13
CA SER A 448 28.07 13.72 6.59
C SER A 448 28.20 12.36 7.27
N GLY A 449 27.74 11.31 6.61
CA GLY A 449 27.69 9.97 7.21
C GLY A 449 26.36 9.69 7.89
N ARG A 450 25.35 10.50 7.57
CA ARG A 450 24.00 10.34 8.12
C ARG A 450 23.07 9.49 7.23
N LYS A 451 23.65 8.89 6.19
CA LYS A 451 22.97 7.87 5.39
C LYS A 451 23.84 6.63 5.34
N GLY B 1 -4.78 27.86 21.76
CA GLY B 1 -6.14 27.76 21.16
C GLY B 1 -6.08 27.41 19.68
N SER B 2 -7.23 27.08 19.10
CA SER B 2 -7.30 26.74 17.68
C SER B 2 -8.62 27.22 17.04
N ALA B 3 -8.69 27.10 15.72
N ALA B 3 -8.68 27.18 15.72
CA ALA B 3 -9.91 27.38 14.96
CA ALA B 3 -9.94 27.39 15.02
C ALA B 3 -9.95 26.54 13.70
C ALA B 3 -10.63 26.06 14.85
N MET B 4 -11.13 26.39 13.12
N MET B 4 -11.80 26.05 14.22
CA MET B 4 -11.21 25.84 11.78
CA MET B 4 -12.57 24.83 14.21
C MET B 4 -10.78 24.38 11.69
C MET B 4 -11.79 23.58 13.80
N GLY B 5 -11.02 23.54 12.71
CA GLY B 5 -10.44 22.22 12.49
C GLY B 5 -8.92 22.09 12.48
N GLU B 6 -8.22 23.19 12.74
CA GLU B 6 -6.76 23.16 12.81
C GLU B 6 -6.30 22.66 14.18
N PRO B 7 -5.18 21.94 14.23
CA PRO B 7 -4.67 21.45 15.52
C PRO B 7 -4.31 22.61 16.45
N ASP B 8 -4.51 22.43 17.75
CA ASP B 8 -4.16 23.45 18.72
C ASP B 8 -2.66 23.65 18.72
N TYR B 9 -2.25 24.91 18.77
CA TYR B 9 -0.85 25.25 18.87
C TYR B 9 -0.32 24.98 20.29
N GLU B 10 -1.25 24.86 21.24
CA GLU B 10 -0.91 24.67 22.65
C GLU B 10 -1.26 23.25 23.09
N VAL B 11 -0.24 22.51 23.53
CA VAL B 11 -0.44 21.15 24.03
C VAL B 11 0.09 21.07 25.47
N ASP B 12 -0.75 20.55 26.37
CA ASP B 12 -0.37 20.29 27.76
C ASP B 12 0.90 19.44 27.85
N GLU B 13 1.90 19.95 28.55
CA GLU B 13 3.17 19.25 28.72
C GLU B 13 2.99 18.01 29.59
N ASP B 14 1.97 18.10 30.44
CA ASP B 14 1.52 17.06 31.35
C ASP B 14 1.46 15.68 30.69
N ILE B 15 0.96 15.66 29.46
CA ILE B 15 0.63 14.39 28.80
C ILE B 15 1.87 13.60 28.35
N PHE B 16 3.02 14.28 28.26
CA PHE B 16 4.25 13.66 27.75
C PHE B 16 5.15 13.04 28.84
N ARG B 17 4.77 13.21 30.10
CA ARG B 17 5.57 12.72 31.22
C ARG B 17 5.46 11.21 31.37
N LYS B 18 6.59 10.53 31.51
CA LYS B 18 6.58 9.09 31.71
C LYS B 18 5.96 8.77 33.07
N LYS B 19 5.24 7.66 33.12
CA LYS B 19 4.38 7.27 34.25
C LYS B 19 2.96 7.85 34.14
N ARG B 20 2.77 8.79 33.22
CA ARG B 20 1.45 9.39 32.97
C ARG B 20 0.65 8.68 31.86
N LEU B 21 -0.55 8.23 32.21
CA LEU B 21 -1.50 7.67 31.25
C LEU B 21 -2.72 8.60 31.26
N THR B 22 -3.01 9.19 30.10
CA THR B 22 -4.12 10.13 29.94
C THR B 22 -5.28 9.48 29.20
N ILE B 23 -6.48 9.49 29.78
CA ILE B 23 -7.69 9.08 29.05
C ILE B 23 -8.43 10.32 28.56
N MET B 24 -8.60 10.42 27.24
CA MET B 24 -9.38 11.49 26.63
C MET B 24 -10.71 10.93 26.15
N ASP B 25 -11.77 11.19 26.90
CA ASP B 25 -13.06 10.55 26.59
C ASP B 25 -14.13 11.43 25.94
N LEU B 26 -13.70 12.26 24.99
CA LEU B 26 -14.58 13.22 24.34
C LEU B 26 -15.59 12.55 23.40
N HIS B 27 -16.75 13.17 23.25
CA HIS B 27 -17.89 12.58 22.52
C HIS B 27 -17.63 12.42 21.02
N PRO B 28 -18.40 11.54 20.33
CA PRO B 28 -18.10 11.36 18.91
C PRO B 28 -18.19 12.65 18.11
N GLY B 29 -17.25 12.80 17.19
CA GLY B 29 -17.10 14.00 16.38
C GLY B 29 -16.51 15.21 17.10
N ALA B 30 -16.00 15.02 18.32
CA ALA B 30 -15.39 16.11 19.10
C ALA B 30 -14.06 16.59 18.55
N GLY B 31 -13.36 15.74 17.81
CA GLY B 31 -12.10 16.13 17.16
C GLY B 31 -10.87 15.34 17.59
N LYS B 32 -11.11 14.16 18.16
CA LYS B 32 -10.05 13.34 18.77
C LYS B 32 -9.01 12.91 17.74
N THR B 33 -9.48 12.39 16.62
CA THR B 33 -8.61 11.82 15.58
C THR B 33 -8.02 12.89 14.63
N LYS B 34 -8.85 13.86 14.24
CA LYS B 34 -8.44 14.82 13.21
C LYS B 34 -8.03 16.20 13.70
N ARG B 35 -8.14 16.44 15.00
CA ARG B 35 -7.64 17.70 15.54
C ARG B 35 -6.68 17.54 16.73
N ILE B 36 -7.06 16.73 17.72
CA ILE B 36 -6.27 16.54 18.93
C ILE B 36 -4.99 15.74 18.62
N LEU B 37 -5.15 14.63 17.92
CA LEU B 37 -4.03 13.78 17.55
C LEU B 37 -2.90 14.51 16.79
N PRO B 38 -3.24 15.29 15.73
CA PRO B 38 -2.21 16.07 15.03
C PRO B 38 -1.41 17.02 15.91
N SER B 39 -2.04 17.70 16.86
CA SER B 39 -1.27 18.60 17.72
C SER B 39 -0.39 17.86 18.73
N ILE B 40 -0.83 16.71 19.22
CA ILE B 40 0.00 15.86 20.07
C ILE B 40 1.22 15.36 19.30
N VAL B 41 1.00 14.93 18.06
CA VAL B 41 2.09 14.40 17.24
C VAL B 41 3.11 15.50 16.87
N ARG B 42 2.62 16.69 16.52
CA ARG B 42 3.49 17.85 16.25
C ARG B 42 4.35 18.19 17.47
N GLU B 43 3.75 18.12 18.66
CA GLU B 43 4.45 18.42 19.90
C GLU B 43 5.44 17.33 20.28
N ALA B 44 5.10 16.09 19.94
CA ALA B 44 5.96 14.93 20.17
C ALA B 44 7.21 14.94 19.28
N LEU B 45 7.05 15.42 18.04
CA LEU B 45 8.16 15.53 17.10
C LEU B 45 9.20 16.56 17.56
N LYS B 46 8.72 17.70 18.07
CA LYS B 46 9.58 18.76 18.60
C LYS B 46 10.31 18.30 19.86
N ARG B 47 9.66 17.46 20.65
CA ARG B 47 10.25 16.93 21.87
C ARG B 47 11.13 15.70 21.60
N ARG B 48 11.24 15.35 20.31
CA ARG B 48 12.05 14.21 19.82
C ARG B 48 11.68 12.86 20.45
N LEU B 49 10.39 12.66 20.67
CA LEU B 49 9.90 11.43 21.29
C LEU B 49 9.69 10.34 20.26
N ARG B 50 10.16 9.15 20.57
CA ARG B 50 9.85 7.97 19.76
C ARG B 50 8.40 7.58 20.02
N THR B 51 7.56 7.75 18.99
CA THR B 51 6.11 7.72 19.16
C THR B 51 5.43 6.61 18.35
N LEU B 52 4.41 6.00 18.95
CA LEU B 52 3.57 5.04 18.31
C LEU B 52 2.13 5.56 18.33
N ILE B 53 1.49 5.56 17.17
CA ILE B 53 0.08 5.87 17.03
C ILE B 53 -0.65 4.61 16.55
N LEU B 54 -1.75 4.28 17.22
CA LEU B 54 -2.47 3.02 16.98
C LEU B 54 -3.95 3.22 16.58
N ALA B 55 -4.32 2.71 15.40
CA ALA B 55 -5.74 2.69 14.95
C ALA B 55 -6.30 1.26 15.04
N PRO B 56 -7.57 1.11 15.49
CA PRO B 56 -8.16 -0.25 15.61
C PRO B 56 -8.40 -0.92 14.25
N THR B 57 -8.73 -0.11 13.25
CA THR B 57 -9.01 -0.61 11.90
C THR B 57 -8.36 0.31 10.86
N ARG B 58 -8.33 -0.17 9.62
CA ARG B 58 -7.84 0.61 8.48
C ARG B 58 -8.73 1.84 8.22
N VAL B 59 -10.01 1.76 8.56
CA VAL B 59 -10.91 2.92 8.49
C VAL B 59 -10.36 4.08 9.33
N VAL B 60 -10.04 3.81 10.59
CA VAL B 60 -9.44 4.84 11.45
C VAL B 60 -8.05 5.26 10.93
N ALA B 61 -7.24 4.30 10.48
CA ALA B 61 -5.91 4.61 9.94
C ALA B 61 -6.00 5.61 8.78
N ALA B 62 -7.03 5.46 7.96
CA ALA B 62 -7.29 6.37 6.82
C ALA B 62 -7.75 7.75 7.25
N GLU B 63 -8.59 7.81 8.29
CA GLU B 63 -9.02 9.09 8.86
C GLU B 63 -7.83 9.83 9.47
N MET B 64 -6.97 9.07 10.14
CA MET B 64 -5.73 9.58 10.71
C MET B 64 -4.81 10.19 9.66
N GLU B 65 -4.67 9.51 8.52
CA GLU B 65 -3.75 9.93 7.46
C GLU B 65 -4.15 11.25 6.83
N GLU B 66 -5.46 11.45 6.65
CA GLU B 66 -5.96 12.75 6.17
C GLU B 66 -5.60 13.88 7.16
N ALA B 67 -5.61 13.59 8.45
CA ALA B 67 -5.25 14.57 9.48
C ALA B 67 -3.73 14.81 9.62
N LEU B 68 -2.94 13.78 9.32
CA LEU B 68 -1.50 13.82 9.61
C LEU B 68 -0.63 13.97 8.37
N ARG B 69 -1.26 14.00 7.19
CA ARG B 69 -0.57 14.05 5.90
C ARG B 69 0.46 15.18 5.81
N GLY B 70 1.72 14.81 5.52
CA GLY B 70 2.80 15.78 5.39
C GLY B 70 3.84 15.66 6.48
N LEU B 71 3.40 15.21 7.66
CA LEU B 71 4.30 14.95 8.79
C LEU B 71 5.14 13.68 8.57
N PRO B 72 6.39 13.68 9.10
CA PRO B 72 7.28 12.51 8.96
C PRO B 72 6.81 11.28 9.75
N ILE B 73 5.85 10.55 9.19
CA ILE B 73 5.26 9.35 9.82
C ILE B 73 5.60 8.10 9.00
N ARG B 74 6.07 7.06 9.68
CA ARG B 74 6.20 5.73 9.07
C ARG B 74 4.87 4.98 9.21
N TYR B 75 4.21 4.72 8.08
CA TYR B 75 2.92 4.04 8.07
C TYR B 75 3.07 2.54 7.87
N GLN B 76 2.63 1.77 8.87
CA GLN B 76 2.75 0.31 8.82
C GLN B 76 1.38 -0.37 8.73
N THR B 77 0.60 0.07 7.74
CA THR B 77 -0.72 -0.46 7.41
C THR B 77 -0.96 -0.35 5.89
N PRO B 78 -1.45 -1.44 5.26
CA PRO B 78 -1.80 -1.43 3.83
C PRO B 78 -2.85 -0.39 3.45
N ALA B 79 -3.46 0.24 4.45
CA ALA B 79 -4.43 1.30 4.21
C ALA B 79 -3.79 2.61 3.75
N VAL B 80 -2.48 2.74 3.96
CA VAL B 80 -1.74 3.95 3.59
C VAL B 80 -0.43 3.57 2.91
N LYS B 81 -0.16 4.23 1.78
CA LYS B 81 1.10 4.09 1.08
C LYS B 81 1.87 5.40 1.24
N SER B 82 3.12 5.31 1.72
CA SER B 82 3.95 6.51 1.95
C SER B 82 5.47 6.24 1.95
N ASP B 83 6.25 7.31 1.96
CA ASP B 83 7.67 7.28 2.32
C ASP B 83 7.85 8.05 3.65
N HIS B 84 8.49 7.47 4.67
CA HIS B 84 9.26 6.20 4.65
C HIS B 84 10.66 6.45 4.06
N THR B 85 11.39 7.34 4.72
CA THR B 85 12.78 7.65 4.40
C THR B 85 13.75 6.81 5.23
N GLY B 86 13.22 6.16 6.28
CA GLY B 86 13.99 5.28 7.14
C GLY B 86 14.23 5.81 8.54
N ARG B 87 14.27 7.14 8.67
CA ARG B 87 14.61 7.81 9.94
C ARG B 87 13.41 8.39 10.73
N GLU B 88 12.19 8.07 10.34
CA GLU B 88 10.98 8.47 11.08
C GLU B 88 11.06 8.07 12.54
N ILE B 89 10.61 8.97 13.41
CA ILE B 89 10.51 8.67 14.85
C ILE B 89 9.04 8.46 15.29
N VAL B 90 8.11 8.55 14.34
CA VAL B 90 6.69 8.28 14.61
C VAL B 90 6.22 7.11 13.75
N ASP B 91 5.69 6.08 14.40
CA ASP B 91 5.15 4.90 13.73
C ASP B 91 3.63 4.83 13.86
N LEU B 92 2.96 4.45 12.78
CA LEU B 92 1.50 4.34 12.78
C LEU B 92 1.08 2.97 12.26
N MET B 93 0.29 2.25 13.06
CA MET B 93 -0.18 0.91 12.69
C MET B 93 -1.49 0.57 13.38
N CYS B 94 -2.07 -0.57 13.01
CA CYS B 94 -3.29 -1.01 13.67
C CYS B 94 -2.99 -1.67 15.02
N HIS B 95 -3.96 -1.66 15.92
CA HIS B 95 -3.81 -2.31 17.24
C HIS B 95 -3.26 -3.72 17.14
N ALA B 96 -3.91 -4.56 16.34
CA ALA B 96 -3.51 -5.98 16.19
C ALA B 96 -2.11 -6.17 15.61
N THR B 97 -1.77 -5.34 14.63
CA THR B 97 -0.42 -5.30 14.07
C THR B 97 0.62 -5.15 15.18
N PHE B 98 0.40 -4.19 16.08
CA PHE B 98 1.32 -3.97 17.20
C PHE B 98 1.50 -5.20 18.09
N THR B 99 0.38 -5.82 18.46
CA THR B 99 0.39 -7.05 19.27
C THR B 99 1.13 -8.20 18.56
N THR B 100 0.89 -8.35 17.27
CA THR B 100 1.60 -9.30 16.42
C THR B 100 3.13 -9.10 16.47
N ARG B 101 3.58 -7.85 16.29
CA ARG B 101 5.00 -7.49 16.42
C ARG B 101 5.56 -7.84 17.79
N LEU B 102 4.78 -7.53 18.84
CA LEU B 102 5.15 -7.87 20.22
C LEU B 102 5.35 -9.38 20.41
N LEU B 103 4.53 -10.16 19.70
CA LEU B 103 4.58 -11.62 19.79
C LEU B 103 5.65 -12.25 18.90
N SER B 104 6.08 -11.53 17.86
CA SER B 104 6.94 -12.08 16.81
C SER B 104 8.43 -11.96 17.10
N SER B 105 9.24 -12.24 16.08
CA SER B 105 10.70 -12.25 16.17
C SER B 105 11.26 -10.86 16.49
N THR B 106 11.18 -9.95 15.51
CA THR B 106 11.76 -8.62 15.64
C THR B 106 11.26 -7.89 16.88
N ARG B 107 12.13 -7.05 17.43
CA ARG B 107 11.83 -6.26 18.61
C ARG B 107 11.17 -4.97 18.18
N VAL B 108 10.25 -4.47 18.99
CA VAL B 108 9.64 -3.19 18.71
C VAL B 108 10.59 -2.09 19.17
N PRO B 109 10.48 -0.89 18.55
CA PRO B 109 11.17 0.27 19.08
C PRO B 109 10.75 0.54 20.52
N ASN B 110 11.63 1.16 21.29
CA ASN B 110 11.30 1.54 22.66
C ASN B 110 10.59 2.90 22.72
N TYR B 111 9.29 2.88 22.39
CA TYR B 111 8.53 4.11 22.31
C TYR B 111 8.44 4.82 23.64
N ASN B 112 8.67 6.13 23.60
CA ASN B 112 8.52 7.03 24.74
C ASN B 112 7.10 7.58 24.85
N LEU B 113 6.38 7.62 23.73
CA LEU B 113 4.98 8.05 23.70
C LEU B 113 4.13 7.11 22.84
N ILE B 114 2.99 6.68 23.38
CA ILE B 114 2.06 5.79 22.68
C ILE B 114 0.66 6.38 22.75
N VAL B 115 0.08 6.67 21.58
CA VAL B 115 -1.26 7.24 21.48
C VAL B 115 -2.21 6.18 20.87
N MET B 116 -3.12 5.65 21.67
CA MET B 116 -4.08 4.64 21.17
C MET B 116 -5.44 5.26 20.92
N ASP B 117 -5.79 5.44 19.65
CA ASP B 117 -7.16 5.85 19.32
C ASP B 117 -8.11 4.66 19.44
N GLU B 118 -9.36 4.93 19.85
CA GLU B 118 -10.40 3.91 20.12
C GLU B 118 -9.93 2.90 21.16
N ALA B 119 -9.50 3.43 22.32
CA ALA B 119 -8.86 2.64 23.36
C ALA B 119 -9.82 1.77 24.20
N HIS B 120 -11.04 1.58 23.71
CA HIS B 120 -12.04 0.72 24.34
C HIS B 120 -12.22 -0.58 23.51
N PHE B 121 -11.62 -0.62 22.33
CA PHE B 121 -11.79 -1.71 21.34
C PHE B 121 -11.57 -3.08 21.99
N THR B 122 -12.58 -3.96 21.91
CA THR B 122 -12.59 -5.20 22.69
C THR B 122 -11.97 -6.41 21.98
N ASP B 123 -11.45 -6.19 20.77
CA ASP B 123 -10.64 -7.17 20.08
C ASP B 123 -9.52 -7.63 21.02
N PRO B 124 -9.35 -8.96 21.15
CA PRO B 124 -8.37 -9.47 22.13
C PRO B 124 -6.95 -8.92 21.94
N CYS B 125 -6.55 -8.67 20.69
CA CYS B 125 -5.24 -8.07 20.41
C CYS B 125 -5.14 -6.63 20.92
N SER B 126 -6.25 -5.90 20.86
CA SER B 126 -6.33 -4.52 21.33
C SER B 126 -6.25 -4.46 22.85
N VAL B 127 -6.95 -5.38 23.51
CA VAL B 127 -6.97 -5.47 24.95
C VAL B 127 -5.54 -5.79 25.45
N ALA B 128 -4.93 -6.78 24.81
CA ALA B 128 -3.55 -7.18 25.08
C ALA B 128 -2.58 -6.02 24.87
N ALA B 129 -2.76 -5.26 23.78
CA ALA B 129 -1.93 -4.09 23.49
C ALA B 129 -1.97 -3.09 24.63
N ARG B 130 -3.18 -2.78 25.12
CA ARG B 130 -3.36 -1.84 26.25
C ARG B 130 -2.68 -2.31 27.53
N GLY B 131 -2.62 -3.63 27.71
CA GLY B 131 -1.91 -4.21 28.83
C GLY B 131 -0.43 -3.91 28.74
N TYR B 132 0.13 -4.13 27.55
CA TYR B 132 1.54 -3.81 27.30
C TYR B 132 1.83 -2.33 27.55
N ILE B 133 0.95 -1.47 27.02
CA ILE B 133 1.14 -0.02 27.06
C ILE B 133 1.07 0.49 28.49
N SER B 134 0.02 0.07 29.21
CA SER B 134 -0.14 0.45 30.61
C SER B 134 1.01 -0.07 31.49
N THR B 135 1.63 -1.19 31.07
CA THR B 135 2.84 -1.69 31.74
C THR B 135 4.05 -0.77 31.50
N ARG B 136 4.29 -0.43 30.23
CA ARG B 136 5.35 0.55 29.88
C ARG B 136 5.26 1.87 30.65
N VAL B 137 4.06 2.43 30.73
CA VAL B 137 3.79 3.64 31.50
C VAL B 137 4.10 3.44 32.99
N GLU B 138 3.53 2.40 33.58
CA GLU B 138 3.68 2.12 35.00
C GLU B 138 5.15 1.97 35.42
N MET B 139 5.94 1.31 34.56
CA MET B 139 7.40 1.18 34.79
C MET B 139 8.15 2.50 34.66
N GLY B 140 7.50 3.53 34.11
CA GLY B 140 8.16 4.80 33.85
C GLY B 140 8.94 4.77 32.55
N GLU B 141 8.56 3.87 31.65
CA GLU B 141 9.24 3.79 30.36
C GLU B 141 8.56 4.56 29.23
N ALA B 142 7.33 5.02 29.47
CA ALA B 142 6.56 5.76 28.47
C ALA B 142 5.41 6.58 29.07
N ALA B 143 4.93 7.54 28.30
CA ALA B 143 3.65 8.21 28.54
C ALA B 143 2.68 7.67 27.51
N ALA B 144 1.42 7.52 27.90
CA ALA B 144 0.39 6.99 27.01
C ALA B 144 -0.86 7.86 26.99
N ILE B 145 -1.52 7.93 25.84
CA ILE B 145 -2.79 8.63 25.74
C ILE B 145 -3.82 7.69 25.10
N PHE B 146 -4.90 7.40 25.84
CA PHE B 146 -5.97 6.54 25.34
C PHE B 146 -7.16 7.43 24.98
N MET B 147 -7.49 7.47 23.71
CA MET B 147 -8.65 8.25 23.26
C MET B 147 -9.81 7.32 22.90
N THR B 148 -11.00 7.68 23.38
CA THR B 148 -12.27 7.00 23.02
C THR B 148 -13.48 7.76 23.57
N ALA B 149 -14.55 7.79 22.78
CA ALA B 149 -15.80 8.39 23.20
C ALA B 149 -16.59 7.45 24.14
N THR B 150 -16.14 6.21 24.26
CA THR B 150 -16.82 5.21 25.07
C THR B 150 -15.78 4.41 25.89
N PRO B 151 -15.14 5.05 26.90
CA PRO B 151 -14.18 4.34 27.77
C PRO B 151 -14.83 3.20 28.54
N PRO B 152 -14.01 2.27 29.10
CA PRO B 152 -14.52 1.15 29.90
C PRO B 152 -15.78 1.48 30.71
N GLY B 153 -15.94 2.75 31.10
CA GLY B 153 -17.27 3.32 31.41
C GLY B 153 -18.34 2.24 31.40
N SER B 154 -19.18 2.09 30.37
CA SER B 154 -19.72 3.09 29.43
C SER B 154 -21.08 2.47 29.16
N ILE B 155 -22.16 3.17 29.51
CA ILE B 155 -23.50 2.57 29.41
C ILE B 155 -24.50 3.37 28.59
N ASP B 156 -24.13 4.58 28.20
CA ASP B 156 -25.07 5.47 27.52
C ASP B 156 -25.02 5.30 25.99
N PRO B 157 -26.06 4.69 25.39
CA PRO B 157 -26.01 4.45 23.94
C PRO B 157 -26.31 5.70 23.10
N PHE B 158 -26.71 6.78 23.76
CA PHE B 158 -27.09 8.01 23.08
C PHE B 158 -26.28 9.20 23.60
N PRO B 159 -24.95 9.21 23.38
CA PRO B 159 -24.11 10.28 23.92
C PRO B 159 -24.28 11.58 23.14
N GLN B 160 -23.57 12.64 23.57
CA GLN B 160 -23.69 13.95 22.94
C GLN B 160 -23.13 13.91 21.52
N SER B 161 -23.77 14.69 20.63
CA SER B 161 -23.32 14.80 19.24
C SER B 161 -23.13 16.26 18.81
N ASN B 162 -22.44 16.48 17.69
CA ASN B 162 -22.22 17.86 17.19
C ASN B 162 -23.51 18.52 16.72
N SER B 163 -24.45 17.68 16.31
CA SER B 163 -25.71 18.11 15.71
C SER B 163 -26.81 17.19 16.27
N PRO B 164 -28.04 17.71 16.41
CA PRO B 164 -29.10 16.85 16.97
C PRO B 164 -29.36 15.58 16.16
N ILE B 165 -29.60 14.47 16.85
CA ILE B 165 -29.91 13.20 16.21
C ILE B 165 -31.35 12.81 16.51
N GLU B 166 -32.09 12.41 15.46
CA GLU B 166 -33.42 11.83 15.63
C GLU B 166 -33.29 10.32 15.89
N ASP B 167 -33.46 9.86 17.13
CA ASP B 167 -33.40 8.43 17.43
C ASP B 167 -34.76 7.75 17.20
N ILE B 168 -34.77 6.76 16.33
CA ILE B 168 -36.00 6.08 15.90
C ILE B 168 -35.86 4.58 16.09
N GLU B 169 -36.76 3.97 16.86
CA GLU B 169 -36.76 2.50 16.98
C GLU B 169 -37.78 1.86 16.04
N ARG B 170 -37.28 1.04 15.12
CA ARG B 170 -38.14 0.22 14.24
C ARG B 170 -37.51 -1.11 13.95
N GLU B 171 -38.36 -2.05 13.55
CA GLU B 171 -37.93 -3.31 12.95
C GLU B 171 -37.05 -3.03 11.73
N ILE B 172 -35.94 -3.74 11.66
CA ILE B 172 -34.96 -3.62 10.57
C ILE B 172 -34.73 -5.05 10.05
N PRO B 173 -34.75 -5.25 8.71
CA PRO B 173 -34.58 -6.60 8.16
C PRO B 173 -33.14 -7.08 8.28
N GLU B 174 -32.95 -8.37 8.55
CA GLU B 174 -31.62 -8.99 8.59
C GLU B 174 -31.23 -9.66 7.27
N ARG B 175 -32.22 -9.86 6.41
CA ARG B 175 -32.07 -10.50 5.09
C ARG B 175 -32.78 -9.66 4.02
N SER B 176 -32.77 -10.14 2.77
CA SER B 176 -33.59 -9.56 1.70
C SER B 176 -35.04 -9.44 2.14
N TRP B 177 -35.71 -8.38 1.69
CA TRP B 177 -37.16 -8.20 1.90
C TRP B 177 -37.85 -7.96 0.55
N ASN B 178 -39.04 -8.54 0.39
CA ASN B 178 -39.85 -8.34 -0.81
C ASN B 178 -40.64 -7.04 -0.75
N THR B 179 -41.05 -6.68 0.46
CA THR B 179 -42.01 -5.61 0.70
C THR B 179 -41.95 -5.23 2.19
N GLY B 180 -42.67 -4.17 2.57
CA GLY B 180 -42.89 -3.84 3.97
C GLY B 180 -41.84 -2.98 4.68
N PHE B 181 -40.87 -2.47 3.93
CA PHE B 181 -39.83 -1.61 4.49
C PHE B 181 -39.53 -0.42 3.57
N ASP B 182 -40.58 0.24 3.10
CA ASP B 182 -40.44 1.34 2.14
C ASP B 182 -39.62 2.51 2.69
N TRP B 183 -39.69 2.73 4.01
CA TRP B 183 -38.94 3.78 4.69
C TRP B 183 -37.43 3.72 4.43
N ILE B 184 -36.92 2.53 4.10
CA ILE B 184 -35.49 2.33 3.80
C ILE B 184 -35.11 3.01 2.47
N THR B 185 -35.89 2.74 1.43
CA THR B 185 -35.59 3.22 0.08
C THR B 185 -36.32 4.53 -0.26
N ASP B 186 -37.31 4.93 0.54
CA ASP B 186 -38.00 6.22 0.32
C ASP B 186 -37.16 7.39 0.80
N TYR B 187 -36.24 7.12 1.73
CA TYR B 187 -35.37 8.15 2.30
C TYR B 187 -34.43 8.72 1.23
N GLN B 188 -34.19 10.03 1.26
CA GLN B 188 -33.51 10.74 0.17
C GLN B 188 -32.04 11.12 0.44
N GLY B 189 -31.56 10.87 1.65
CA GLY B 189 -30.19 11.19 1.99
C GLY B 189 -29.27 9.99 1.85
N LYS B 190 -28.18 10.01 2.61
CA LYS B 190 -27.16 8.96 2.53
C LYS B 190 -27.22 8.12 3.80
N THR B 191 -27.17 6.79 3.65
CA THR B 191 -27.34 5.85 4.75
C THR B 191 -26.13 4.94 4.97
N VAL B 192 -25.77 4.80 6.24
CA VAL B 192 -24.77 3.82 6.68
C VAL B 192 -25.50 2.70 7.42
N TRP B 193 -25.45 1.51 6.87
CA TRP B 193 -26.19 0.37 7.41
C TRP B 193 -25.19 -0.62 7.96
N PHE B 194 -25.28 -0.89 9.26
CA PHE B 194 -24.39 -1.84 9.89
C PHE B 194 -24.94 -3.27 9.86
N VAL B 195 -24.14 -4.18 9.29
CA VAL B 195 -24.49 -5.59 9.18
C VAL B 195 -23.50 -6.43 10.01
N PRO B 196 -23.98 -7.56 10.59
CA PRO B 196 -23.17 -8.36 11.50
C PRO B 196 -22.18 -9.27 10.78
N SER B 197 -22.36 -9.45 9.47
CA SER B 197 -21.50 -10.31 8.66
C SER B 197 -21.45 -9.85 7.21
N ILE B 198 -20.37 -10.20 6.52
CA ILE B 198 -20.21 -9.89 5.09
C ILE B 198 -21.28 -10.58 4.23
N LYS B 199 -21.59 -11.84 4.55
CA LYS B 199 -22.67 -12.58 3.92
C LYS B 199 -24.00 -11.80 3.98
N ALA B 200 -24.38 -11.39 5.21
CA ALA B 200 -25.58 -10.58 5.44
C ALA B 200 -25.52 -9.28 4.66
N GLY B 201 -24.32 -8.71 4.55
CA GLY B 201 -24.09 -7.48 3.80
C GLY B 201 -24.38 -7.64 2.33
N ASN B 202 -23.85 -8.71 1.73
CA ASN B 202 -24.07 -9.01 0.29
C ASN B 202 -25.55 -9.09 -0.08
N ASP B 203 -26.32 -9.80 0.75
CA ASP B 203 -27.75 -10.04 0.56
C ASP B 203 -28.55 -8.75 0.63
N ILE B 204 -28.21 -7.91 1.60
CA ILE B 204 -28.84 -6.61 1.80
C ILE B 204 -28.43 -5.65 0.68
N ALA B 205 -27.15 -5.65 0.33
CA ALA B 205 -26.62 -4.79 -0.73
C ALA B 205 -27.20 -5.10 -2.11
N ASN B 206 -27.40 -6.40 -2.37
CA ASN B 206 -28.08 -6.87 -3.58
C ASN B 206 -29.53 -6.38 -3.62
N CYS B 207 -30.23 -6.52 -2.50
CA CYS B 207 -31.64 -6.12 -2.38
C CYS B 207 -31.82 -4.63 -2.68
N LEU B 208 -30.96 -3.80 -2.09
CA LEU B 208 -31.00 -2.35 -2.32
C LEU B 208 -30.70 -1.96 -3.76
N ARG B 209 -29.74 -2.65 -4.38
CA ARG B 209 -29.30 -2.34 -5.74
C ARG B 209 -30.37 -2.54 -6.82
N LYS B 210 -31.21 -3.57 -6.67
CA LYS B 210 -32.33 -3.79 -7.60
C LYS B 210 -33.49 -2.83 -7.37
N SER B 211 -33.30 -1.90 -6.44
CA SER B 211 -34.24 -0.81 -6.20
C SER B 211 -33.69 0.50 -6.78
N GLY B 212 -32.58 0.41 -7.52
CA GLY B 212 -31.99 1.55 -8.20
C GLY B 212 -30.98 2.34 -7.38
N LYS B 213 -30.60 1.80 -6.23
CA LYS B 213 -29.71 2.48 -5.28
C LYS B 213 -28.22 2.22 -5.50
N ARG B 214 -27.41 3.26 -5.27
CA ARG B 214 -25.95 3.18 -5.35
C ARG B 214 -25.37 2.72 -3.99
N VAL B 215 -24.99 1.44 -3.93
CA VAL B 215 -24.53 0.83 -2.68
C VAL B 215 -23.01 0.56 -2.70
N ILE B 216 -22.31 0.99 -1.65
CA ILE B 216 -20.91 0.67 -1.45
C ILE B 216 -20.77 -0.30 -0.27
N GLN B 217 -20.12 -1.44 -0.50
CA GLN B 217 -19.94 -2.40 0.58
C GLN B 217 -18.54 -2.30 1.18
N LEU B 218 -18.50 -2.19 2.51
CA LEU B 218 -17.23 -2.11 3.25
C LEU B 218 -17.08 -3.28 4.18
N SER B 219 -15.89 -3.87 4.19
CA SER B 219 -15.54 -4.93 5.12
C SER B 219 -14.05 -5.18 4.94
N ARG B 220 -13.48 -6.06 5.75
CA ARG B 220 -12.06 -6.42 5.60
C ARG B 220 -11.73 -6.79 4.15
N LYS B 221 -12.68 -7.42 3.46
CA LYS B 221 -12.45 -7.91 2.12
C LYS B 221 -12.54 -6.84 1.03
N THR B 222 -13.25 -5.75 1.31
CA THR B 222 -13.50 -4.73 0.28
C THR B 222 -12.98 -3.34 0.62
N PHE B 223 -12.21 -3.22 1.69
CA PHE B 223 -11.72 -1.91 2.13
C PHE B 223 -10.89 -1.15 1.07
N ASP B 224 -9.88 -1.81 0.55
CA ASP B 224 -8.86 -1.15 -0.25
C ASP B 224 -9.48 -0.43 -1.45
N THR B 225 -10.30 -1.14 -2.21
CA THR B 225 -11.02 -0.56 -3.36
C THR B 225 -12.16 0.39 -2.96
N GLU B 226 -12.89 0.04 -1.90
CA GLU B 226 -14.19 0.68 -1.63
C GLU B 226 -14.22 1.91 -0.70
N TYR B 227 -13.29 1.98 0.27
CA TYR B 227 -13.26 3.14 1.18
C TYR B 227 -13.02 4.49 0.50
N PRO B 228 -12.06 4.58 -0.44
CA PRO B 228 -11.89 5.83 -1.22
C PRO B 228 -13.16 6.36 -1.90
N LYS B 229 -14.02 5.44 -2.34
CA LYS B 229 -15.28 5.76 -2.99
C LYS B 229 -16.35 6.34 -2.05
N THR B 230 -16.22 6.09 -0.76
CA THR B 230 -17.17 6.65 0.20
C THR B 230 -16.86 8.12 0.41
N LYS B 231 -15.60 8.46 0.13
CA LYS B 231 -15.08 9.83 0.22
C LYS B 231 -15.24 10.55 -1.11
N LEU B 232 -14.39 10.20 -2.07
CA LEU B 232 -14.28 10.92 -3.35
C LEU B 232 -15.39 10.62 -4.37
N THR B 233 -16.45 9.96 -3.92
CA THR B 233 -17.55 9.51 -4.80
C THR B 233 -18.95 9.79 -4.19
N ASP B 234 -19.95 9.91 -5.06
CA ASP B 234 -21.37 10.06 -4.66
C ASP B 234 -22.05 8.70 -4.52
N TRP B 235 -22.76 8.50 -3.40
CA TRP B 235 -23.40 7.22 -3.10
C TRP B 235 -24.69 7.39 -2.31
N ASP B 236 -25.50 6.32 -2.30
CA ASP B 236 -26.75 6.29 -1.55
C ASP B 236 -26.60 5.54 -0.22
N PHE B 237 -26.10 4.31 -0.29
CA PHE B 237 -25.92 3.46 0.89
C PHE B 237 -24.47 3.02 1.01
N VAL B 238 -23.99 2.94 2.25
CA VAL B 238 -22.80 2.16 2.60
C VAL B 238 -23.33 1.05 3.49
N VAL B 239 -23.06 -0.19 3.08
CA VAL B 239 -23.44 -1.36 3.86
C VAL B 239 -22.12 -1.88 4.35
N THR B 240 -21.97 -1.88 5.67
CA THR B 240 -20.66 -2.06 6.28
C THR B 240 -20.71 -3.01 7.47
N THR B 241 -19.61 -3.73 7.67
CA THR B 241 -19.38 -4.44 8.91
C THR B 241 -18.86 -3.45 9.98
N ASP B 242 -18.55 -3.98 11.16
CA ASP B 242 -17.96 -3.16 12.22
C ASP B 242 -16.60 -2.58 11.84
N ILE B 243 -16.11 -2.88 10.63
CA ILE B 243 -14.90 -2.19 10.15
C ILE B 243 -15.06 -0.66 10.28
N SER B 244 -16.29 -0.18 10.10
CA SER B 244 -16.60 1.26 10.12
C SER B 244 -17.32 1.71 11.38
N GLU B 245 -17.31 0.88 12.42
CA GLU B 245 -18.03 1.19 13.66
C GLU B 245 -17.45 2.40 14.36
N MET B 246 -16.12 2.51 14.32
CA MET B 246 -15.39 3.58 14.97
C MET B 246 -14.80 4.57 13.97
N GLY B 247 -14.78 5.84 14.37
CA GLY B 247 -13.96 6.89 13.72
C GLY B 247 -14.30 7.38 12.33
N ALA B 248 -15.14 6.65 11.59
CA ALA B 248 -15.44 6.98 10.19
C ALA B 248 -16.14 8.33 10.06
N ASN B 249 -15.77 9.09 9.04
CA ASN B 249 -16.44 10.35 8.67
C ASN B 249 -17.11 10.24 7.30
N PHE B 250 -18.28 9.60 7.27
CA PHE B 250 -19.03 9.29 6.04
C PHE B 250 -19.81 10.46 5.42
N ARG B 251 -19.95 11.56 6.16
CA ARG B 251 -20.76 12.70 5.72
C ARG B 251 -22.18 12.25 5.32
N ALA B 252 -22.77 11.37 6.13
CA ALA B 252 -24.06 10.76 5.85
C ALA B 252 -25.19 11.44 6.61
N GLY B 253 -26.42 11.01 6.33
CA GLY B 253 -27.59 11.55 6.99
C GLY B 253 -28.25 10.58 7.96
N ARG B 254 -28.04 9.28 7.74
CA ARG B 254 -28.76 8.26 8.49
C ARG B 254 -27.90 7.03 8.82
N VAL B 255 -28.06 6.53 10.04
CA VAL B 255 -27.57 5.20 10.38
C VAL B 255 -28.73 4.25 10.65
N ILE B 256 -28.63 3.06 10.08
CA ILE B 256 -29.50 1.93 10.36
C ILE B 256 -28.65 0.92 11.15
N ASP B 257 -29.13 0.60 12.36
CA ASP B 257 -28.37 -0.23 13.29
C ASP B 257 -29.31 -1.26 13.93
N PRO B 258 -29.30 -2.50 13.40
CA PRO B 258 -30.09 -3.59 13.97
C PRO B 258 -29.56 -4.03 15.35
N ARG B 259 -28.39 -3.52 15.73
CA ARG B 259 -27.82 -3.70 17.08
C ARG B 259 -27.59 -5.16 17.48
N ARG B 260 -27.16 -5.98 16.51
CA ARG B 260 -26.90 -7.40 16.75
C ARG B 260 -25.54 -7.84 16.23
N CYS B 261 -25.07 -8.96 16.76
CA CYS B 261 -23.74 -9.51 16.45
C CYS B 261 -23.69 -10.96 16.92
N LEU B 262 -22.82 -11.75 16.32
CA LEU B 262 -22.51 -13.07 16.85
C LEU B 262 -21.30 -12.94 17.79
N LYS B 263 -21.34 -13.67 18.89
CA LYS B 263 -20.31 -13.58 19.93
C LYS B 263 -19.63 -14.94 20.11
N PRO B 264 -18.28 -15.01 19.95
CA PRO B 264 -17.62 -16.25 20.38
C PRO B 264 -17.67 -16.40 21.89
N VAL B 265 -18.03 -17.58 22.36
CA VAL B 265 -18.13 -17.87 23.79
C VAL B 265 -17.41 -19.18 24.08
N ILE B 266 -16.54 -19.15 25.09
CA ILE B 266 -15.89 -20.35 25.59
C ILE B 266 -16.79 -21.09 26.59
N LEU B 267 -17.25 -22.27 26.21
CA LEU B 267 -18.08 -23.11 27.08
C LEU B 267 -17.25 -23.99 28.02
N THR B 268 -17.66 -24.05 29.28
CA THR B 268 -16.96 -24.82 30.32
C THR B 268 -17.77 -26.04 30.83
N ASP B 269 -19.04 -26.13 30.43
CA ASP B 269 -19.86 -27.31 30.71
C ASP B 269 -19.44 -28.45 29.79
N GLY B 270 -18.63 -29.38 30.30
CA GLY B 270 -18.05 -30.44 29.48
C GLY B 270 -16.71 -30.03 28.90
N PRO B 271 -16.19 -30.78 27.91
CA PRO B 271 -14.88 -30.43 27.34
C PRO B 271 -14.92 -29.00 26.82
N GLU B 272 -13.91 -28.21 27.15
CA GLU B 272 -13.89 -26.81 26.78
C GLU B 272 -13.87 -26.62 25.26
N ARG B 273 -14.73 -25.73 24.79
CA ARG B 273 -14.86 -25.45 23.36
C ARG B 273 -15.45 -24.06 23.14
N VAL B 274 -15.33 -23.56 21.93
CA VAL B 274 -15.87 -22.25 21.57
C VAL B 274 -17.03 -22.43 20.60
N ILE B 275 -18.10 -21.72 20.89
CA ILE B 275 -19.28 -21.65 20.02
C ILE B 275 -19.44 -20.22 19.54
N LEU B 276 -20.26 -20.04 18.52
CA LEU B 276 -20.67 -18.72 18.10
C LEU B 276 -22.11 -18.49 18.57
N ALA B 277 -22.24 -17.69 19.62
CA ALA B 277 -23.52 -17.43 20.26
C ALA B 277 -24.25 -16.30 19.54
N GLY B 278 -25.57 -16.41 19.45
CA GLY B 278 -26.35 -15.30 18.93
C GLY B 278 -27.14 -15.58 17.67
N PRO B 279 -27.61 -14.51 17.00
CA PRO B 279 -27.31 -13.10 17.30
C PRO B 279 -27.75 -12.64 18.70
N ILE B 280 -26.87 -11.89 19.36
CA ILE B 280 -27.15 -11.28 20.67
C ILE B 280 -27.07 -9.75 20.51
N PRO B 281 -27.67 -8.98 21.45
CA PRO B 281 -27.53 -7.53 21.30
C PRO B 281 -26.08 -7.06 21.45
N VAL B 282 -25.76 -5.94 20.79
CA VAL B 282 -24.44 -5.31 20.95
C VAL B 282 -24.37 -4.57 22.28
N THR B 283 -23.15 -4.27 22.71
CA THR B 283 -22.94 -3.45 23.90
C THR B 283 -23.46 -2.00 23.71
N PRO B 284 -23.76 -1.29 24.82
CA PRO B 284 -24.05 0.14 24.77
C PRO B 284 -22.96 0.96 24.08
N ALA B 285 -21.69 0.60 24.28
CA ALA B 285 -20.55 1.27 23.61
C ALA B 285 -20.61 1.12 22.10
N SER B 286 -20.80 -0.11 21.62
CA SER B 286 -20.98 -0.34 20.19
C SER B 286 -22.17 0.40 19.57
N ALA B 287 -23.31 0.38 20.26
CA ALA B 287 -24.49 1.20 19.88
C ALA B 287 -24.16 2.70 19.73
N ALA B 288 -23.51 3.26 20.76
CA ALA B 288 -23.05 4.65 20.75
C ALA B 288 -22.09 4.98 19.61
N GLN B 289 -21.14 4.08 19.35
CA GLN B 289 -20.15 4.25 18.28
C GLN B 289 -20.76 4.27 16.86
N ARG B 290 -21.69 3.35 16.62
CA ARG B 290 -22.42 3.30 15.34
C ARG B 290 -23.33 4.50 15.15
N ARG B 291 -24.07 4.86 16.20
CA ARG B 291 -24.92 6.07 16.17
C ARG B 291 -24.02 7.29 15.96
N GLY B 292 -22.79 7.22 16.49
CA GLY B 292 -21.81 8.30 16.38
C GLY B 292 -21.33 8.64 14.98
N ARG B 293 -21.63 7.80 14.00
CA ARG B 293 -21.29 8.06 12.61
C ARG B 293 -22.10 9.23 12.01
N ILE B 294 -23.25 9.55 12.59
CA ILE B 294 -24.04 10.71 12.17
C ILE B 294 -24.24 11.74 13.29
N GLY B 295 -24.92 12.85 12.96
CA GLY B 295 -24.99 14.01 13.83
C GLY B 295 -23.64 14.70 14.01
N ARG B 296 -22.76 14.54 13.03
CA ARG B 296 -21.38 15.03 13.13
C ARG B 296 -21.15 16.45 12.60
N ASN B 297 -22.10 16.93 11.80
CA ASN B 297 -22.05 18.25 11.18
C ASN B 297 -23.17 19.15 11.68
N PRO B 298 -22.82 20.19 12.48
CA PRO B 298 -23.77 21.19 13.03
C PRO B 298 -24.59 21.93 11.97
N ALA B 299 -24.09 22.01 10.73
CA ALA B 299 -24.84 22.62 9.63
C ALA B 299 -25.98 21.72 9.16
N GLN B 300 -25.79 20.40 9.36
CA GLN B 300 -26.74 19.37 8.94
C GLN B 300 -27.47 18.83 10.18
N GLU B 301 -28.68 19.33 10.41
CA GLU B 301 -29.37 19.19 11.69
C GLU B 301 -30.38 18.05 11.83
N ASP B 302 -30.79 17.45 10.70
CA ASP B 302 -31.87 16.47 10.73
C ASP B 302 -31.45 15.00 10.62
N ASP B 303 -30.23 14.68 11.04
CA ASP B 303 -29.74 13.30 10.98
C ASP B 303 -30.57 12.32 11.81
N GLN B 304 -30.54 11.06 11.40
CA GLN B 304 -31.37 10.02 11.99
C GLN B 304 -30.53 8.80 12.41
N TYR B 305 -30.89 8.23 13.55
CA TYR B 305 -30.33 6.94 13.95
C TYR B 305 -31.51 6.00 14.12
N VAL B 306 -31.60 5.01 13.22
CA VAL B 306 -32.69 4.04 13.24
C VAL B 306 -32.13 2.74 13.81
N PHE B 307 -32.74 2.26 14.89
CA PHE B 307 -32.21 1.10 15.61
C PHE B 307 -33.33 0.14 16.00
N SER B 308 -32.95 -1.07 16.42
CA SER B 308 -33.89 -2.08 16.86
C SER B 308 -33.40 -2.77 18.14
N GLY B 309 -34.22 -2.77 19.19
CA GLY B 309 -33.89 -3.45 20.44
C GLY B 309 -32.95 -2.69 21.36
N ASP B 310 -32.74 -3.21 22.56
CA ASP B 310 -31.87 -2.59 23.55
C ASP B 310 -30.51 -3.25 23.51
N PRO B 311 -29.44 -2.48 23.78
CA PRO B 311 -28.13 -3.10 23.88
C PRO B 311 -28.04 -4.05 25.09
N LEU B 312 -26.95 -4.83 25.15
CA LEU B 312 -26.67 -5.74 26.25
C LEU B 312 -25.26 -5.47 26.72
N LYS B 313 -25.14 -4.92 27.93
CA LYS B 313 -23.86 -4.52 28.51
C LYS B 313 -22.98 -5.71 28.94
N ASN B 314 -23.60 -6.77 29.44
CA ASN B 314 -22.87 -7.92 29.97
C ASN B 314 -22.20 -8.74 28.87
N ASP B 315 -20.86 -8.70 28.80
CA ASP B 315 -20.12 -9.56 27.89
C ASP B 315 -19.03 -10.39 28.59
N GLU B 316 -19.28 -10.75 29.85
CA GLU B 316 -18.34 -11.51 30.67
C GLU B 316 -18.00 -12.88 30.06
N ASP B 317 -18.91 -13.41 29.25
CA ASP B 317 -18.69 -14.73 28.64
C ASP B 317 -18.12 -14.66 27.22
N HIS B 318 -17.91 -13.45 26.70
CA HIS B 318 -17.28 -13.28 25.38
C HIS B 318 -15.85 -13.81 25.45
N ALA B 319 -15.46 -14.57 24.44
CA ALA B 319 -14.13 -15.17 24.36
C ALA B 319 -13.00 -14.15 24.46
N HIS B 320 -13.24 -12.90 24.05
CA HIS B 320 -12.15 -11.91 23.95
C HIS B 320 -11.39 -11.63 25.26
N TRP B 321 -12.08 -11.70 26.39
CA TRP B 321 -11.43 -11.43 27.67
C TRP B 321 -10.43 -12.52 28.03
N THR B 322 -10.75 -13.78 27.69
CA THR B 322 -9.81 -14.91 27.92
C THR B 322 -8.67 -14.83 26.90
N GLU B 323 -9.03 -14.58 25.64
CA GLU B 323 -8.07 -14.55 24.54
C GLU B 323 -7.02 -13.47 24.67
N ALA B 324 -7.42 -12.30 25.19
CA ALA B 324 -6.49 -11.22 25.45
C ALA B 324 -5.42 -11.60 26.48
N LYS B 325 -5.83 -12.36 27.51
CA LYS B 325 -4.92 -12.86 28.53
C LYS B 325 -3.95 -13.91 27.99
N MET B 326 -4.45 -14.75 27.09
CA MET B 326 -3.63 -15.75 26.40
C MET B 326 -2.51 -15.09 25.61
N LEU B 327 -2.84 -14.00 24.91
CA LEU B 327 -1.85 -13.21 24.20
C LEU B 327 -0.85 -12.53 25.16
N LEU B 328 -1.36 -11.83 26.16
CA LEU B 328 -0.50 -10.97 26.98
C LEU B 328 0.49 -11.80 27.81
N ASP B 329 0.05 -12.97 28.28
CA ASP B 329 0.91 -13.90 29.02
C ASP B 329 2.11 -14.40 28.22
N ASN B 330 2.08 -14.13 26.91
CA ASN B 330 3.16 -14.52 26.02
C ASN B 330 3.85 -13.33 25.35
N ILE B 331 3.63 -12.15 25.92
CA ILE B 331 4.31 -10.92 25.50
C ILE B 331 5.27 -10.46 26.60
N TYR B 332 6.47 -10.06 26.17
CA TYR B 332 7.54 -9.67 27.09
C TYR B 332 8.04 -8.27 26.74
N THR B 333 8.32 -7.47 27.76
CA THR B 333 8.98 -6.18 27.57
C THR B 333 10.46 -6.46 27.25
N PRO B 334 11.22 -5.45 26.82
CA PRO B 334 12.64 -5.71 26.54
C PRO B 334 13.42 -6.15 27.79
N GLU B 335 12.94 -5.76 28.97
CA GLU B 335 13.53 -6.12 30.26
C GLU B 335 13.13 -7.53 30.72
N GLY B 336 12.12 -8.10 30.09
CA GLY B 336 11.68 -9.47 30.37
C GLY B 336 10.40 -9.57 31.18
N ILE B 337 9.78 -8.43 31.47
CA ILE B 337 8.55 -8.37 32.25
C ILE B 337 7.32 -8.73 31.39
N ILE B 338 6.50 -9.66 31.88
CA ILE B 338 5.20 -9.95 31.28
C ILE B 338 4.18 -8.92 31.78
N PRO B 339 3.53 -8.19 30.85
CA PRO B 339 2.62 -7.14 31.26
C PRO B 339 1.32 -7.69 31.86
N THR B 340 0.68 -6.86 32.68
CA THR B 340 -0.65 -7.12 33.21
C THR B 340 -1.66 -6.37 32.36
N LEU B 341 -2.91 -6.83 32.36
CA LEU B 341 -4.00 -6.13 31.70
C LEU B 341 -4.16 -4.69 32.18
N PHE B 342 -4.60 -3.80 31.29
CA PHE B 342 -5.02 -2.45 31.65
C PHE B 342 -6.05 -2.50 32.78
N GLY B 343 -5.82 -1.69 33.82
CA GLY B 343 -6.65 -1.66 35.03
C GLY B 343 -8.12 -2.04 34.89
N PRO B 344 -8.92 -1.20 34.20
CA PRO B 344 -10.36 -1.44 33.98
C PRO B 344 -10.74 -2.77 33.30
N GLU B 345 -9.76 -3.48 32.76
CA GLU B 345 -10.04 -4.70 32.00
C GLU B 345 -9.58 -5.97 32.70
N ARG B 346 -9.29 -5.84 34.00
CA ARG B 346 -8.88 -6.96 34.83
C ARG B 346 -10.09 -7.64 35.44
N GLU B 347 -10.04 -8.97 35.50
CA GLU B 347 -11.07 -9.80 36.12
C GLU B 347 -12.41 -9.66 35.40
N LYS B 348 -12.44 -10.14 34.16
CA LYS B 348 -13.63 -10.02 33.34
C LYS B 348 -14.69 -11.15 33.24
N THR B 349 -14.44 -12.49 33.27
CA THR B 349 -13.19 -13.33 33.29
C THR B 349 -12.21 -13.33 34.49
N GLN B 350 -12.20 -14.44 35.24
CA GLN B 350 -11.39 -14.54 36.47
C GLN B 350 -10.12 -15.41 36.38
N ALA B 351 -8.96 -14.76 36.54
CA ALA B 351 -7.67 -15.44 36.80
C ALA B 351 -7.22 -16.38 35.66
N ILE B 352 -6.21 -17.22 35.89
CA ILE B 352 -5.24 -17.09 36.99
C ILE B 352 -4.07 -16.30 36.43
N ASP B 353 -3.18 -15.82 37.30
CA ASP B 353 -2.02 -15.05 36.83
C ASP B 353 -0.90 -15.95 36.31
N GLY B 354 -0.51 -15.70 35.06
CA GLY B 354 0.49 -16.52 34.37
C GLY B 354 -0.07 -17.86 33.89
N GLU B 355 -1.39 -17.99 33.97
CA GLU B 355 -2.10 -19.19 33.57
C GLU B 355 -1.84 -19.63 32.13
N PHE B 356 -1.57 -18.67 31.24
CA PHE B 356 -1.40 -19.00 29.83
C PHE B 356 0.03 -18.86 29.27
N ARG B 357 1.02 -18.68 30.14
CA ARG B 357 2.39 -18.48 29.66
C ARG B 357 2.97 -19.76 29.06
N LEU B 358 3.40 -19.67 27.80
CA LEU B 358 3.99 -20.80 27.10
C LEU B 358 5.50 -20.66 27.05
N ARG B 359 6.19 -21.79 26.98
CA ARG B 359 7.65 -21.82 26.93
C ARG B 359 8.19 -22.00 25.50
N GLY B 360 9.32 -21.34 25.22
CA GLY B 360 10.09 -21.47 23.97
C GLY B 360 9.36 -21.82 22.69
N GLU B 361 9.58 -23.05 22.24
CA GLU B 361 9.00 -23.59 20.99
C GLU B 361 7.47 -23.54 20.95
N GLN B 362 6.83 -23.81 22.09
CA GLN B 362 5.37 -23.73 22.22
C GLN B 362 4.88 -22.31 21.94
N ARG B 363 5.65 -21.32 22.39
CA ARG B 363 5.29 -19.93 22.17
C ARG B 363 5.36 -19.52 20.68
N LYS B 364 6.37 -20.02 19.97
CA LYS B 364 6.55 -19.76 18.53
C LYS B 364 5.44 -20.41 17.69
N THR B 365 5.04 -21.62 18.06
CA THR B 365 3.95 -22.35 17.42
C THR B 365 2.63 -21.60 17.59
N PHE B 366 2.37 -21.15 18.82
CA PHE B 366 1.18 -20.36 19.16
C PHE B 366 1.04 -19.17 18.20
N VAL B 367 2.10 -18.36 18.11
CA VAL B 367 2.15 -17.20 17.20
C VAL B 367 1.87 -17.61 15.74
N GLU B 368 2.62 -18.62 15.26
CA GLU B 368 2.50 -19.14 13.90
C GLU B 368 1.11 -19.69 13.53
N LEU B 369 0.48 -20.40 14.46
CA LEU B 369 -0.90 -20.87 14.25
C LEU B 369 -1.89 -19.73 14.03
N MET B 370 -1.69 -18.62 14.72
CA MET B 370 -2.51 -17.42 14.49
C MET B 370 -2.10 -16.74 13.19
N ARG B 371 -0.79 -16.56 13.00
CA ARG B 371 -0.23 -15.76 11.91
C ARG B 371 -0.31 -16.45 10.54
N ARG B 372 0.31 -17.63 10.42
CA ARG B 372 0.27 -18.41 9.17
C ARG B 372 -0.93 -19.33 9.13
N GLY B 373 -1.45 -19.71 10.31
CA GLY B 373 -2.53 -20.67 10.41
C GLY B 373 -3.92 -20.07 10.20
N ASP B 374 -4.05 -18.76 10.51
CA ASP B 374 -5.34 -18.06 10.46
C ASP B 374 -6.33 -18.62 11.51
N LEU B 375 -5.79 -19.20 12.58
CA LEU B 375 -6.61 -19.85 13.61
C LEU B 375 -6.88 -18.87 14.75
N PRO B 376 -8.07 -18.98 15.37
CA PRO B 376 -8.41 -18.12 16.53
C PRO B 376 -7.39 -18.25 17.68
N VAL B 377 -7.32 -17.21 18.50
CA VAL B 377 -6.42 -17.23 19.66
C VAL B 377 -6.63 -18.48 20.54
N TRP B 378 -7.89 -18.76 20.88
CA TRP B 378 -8.19 -19.91 21.77
C TRP B 378 -7.67 -21.26 21.23
N LEU B 379 -8.00 -21.54 19.96
CA LEU B 379 -7.62 -22.80 19.31
C LEU B 379 -6.11 -22.92 19.19
N SER B 380 -5.46 -21.83 18.76
CA SER B 380 -4.01 -21.77 18.67
C SER B 380 -3.36 -22.08 20.02
N TYR B 381 -3.84 -21.44 21.10
CA TYR B 381 -3.33 -21.73 22.45
C TYR B 381 -3.47 -23.21 22.81
N LYS B 382 -4.66 -23.75 22.58
CA LYS B 382 -4.95 -25.15 22.87
C LYS B 382 -3.98 -26.10 22.17
N VAL B 383 -3.73 -25.85 20.88
CA VAL B 383 -2.83 -26.69 20.10
C VAL B 383 -1.40 -26.56 20.61
N ALA B 384 -0.92 -25.32 20.68
CA ALA B 384 0.47 -25.04 21.04
C ALA B 384 0.82 -25.56 22.42
N SER B 385 -0.08 -25.34 23.38
CA SER B 385 0.16 -25.70 24.78
C SER B 385 0.19 -27.21 24.96
N ALA B 386 -0.34 -27.95 23.99
CA ALA B 386 -0.31 -29.40 23.99
C ALA B 386 1.01 -29.97 23.44
N GLY B 387 1.92 -29.07 23.07
CA GLY B 387 3.23 -29.47 22.52
C GLY B 387 3.21 -29.96 21.07
N ILE B 388 2.17 -29.56 20.33
CA ILE B 388 2.04 -29.90 18.91
C ILE B 388 2.70 -28.79 18.08
N SER B 389 3.49 -29.18 17.09
CA SER B 389 4.17 -28.24 16.20
C SER B 389 3.27 -27.74 15.09
N TYR B 390 3.57 -26.53 14.60
CA TYR B 390 2.72 -25.84 13.63
C TYR B 390 2.30 -26.73 12.43
N LYS B 391 3.24 -27.50 11.88
CA LYS B 391 2.98 -28.29 10.66
C LYS B 391 2.50 -29.73 10.92
N ASP B 392 2.40 -30.11 12.20
CA ASP B 392 1.84 -31.39 12.57
C ASP B 392 0.31 -31.25 12.70
N ARG B 393 -0.42 -31.81 11.74
CA ARG B 393 -1.86 -31.56 11.63
C ARG B 393 -2.72 -32.70 12.13
N GLU B 394 -2.12 -33.63 12.87
CA GLU B 394 -2.84 -34.85 13.29
C GLU B 394 -3.93 -34.59 14.34
N TRP B 395 -3.75 -33.54 15.13
CA TRP B 395 -4.79 -33.11 16.07
C TRP B 395 -6.11 -32.84 15.36
N CYS B 396 -6.04 -32.63 14.05
CA CYS B 396 -7.24 -32.38 13.22
C CYS B 396 -8.09 -33.62 13.02
N PHE B 397 -7.54 -34.80 13.31
CA PHE B 397 -8.21 -36.09 13.04
C PHE B 397 -8.39 -37.01 14.26
N THR B 398 -7.93 -36.58 15.42
CA THR B 398 -7.83 -37.47 16.58
C THR B 398 -8.76 -37.10 17.73
N GLY B 399 -9.72 -36.22 17.47
CA GLY B 399 -10.70 -35.82 18.48
C GLY B 399 -11.66 -36.94 18.80
N GLU B 400 -12.41 -36.78 19.89
CA GLU B 400 -13.48 -37.72 20.23
C GLU B 400 -14.55 -37.70 19.13
N ARG B 401 -15.38 -38.75 19.12
CA ARG B 401 -16.43 -38.96 18.11
C ARG B 401 -17.35 -37.75 17.93
N ASN B 402 -17.71 -37.13 19.04
CA ASN B 402 -18.60 -35.97 19.04
C ASN B 402 -18.00 -34.72 18.42
N ASN B 403 -16.69 -34.74 18.15
CA ASN B 403 -16.01 -33.61 17.50
C ASN B 403 -15.95 -33.67 15.97
N GLN B 404 -16.57 -34.70 15.39
CA GLN B 404 -16.68 -34.83 13.94
C GLN B 404 -17.37 -33.60 13.37
N ILE B 405 -16.76 -33.00 12.36
CA ILE B 405 -17.31 -31.84 11.68
C ILE B 405 -18.18 -32.28 10.51
N LEU B 406 -19.33 -31.62 10.43
CA LEU B 406 -20.29 -31.85 9.37
C LEU B 406 -20.40 -30.65 8.46
N GLU B 407 -20.48 -30.92 7.17
CA GLU B 407 -20.79 -29.91 6.16
C GLU B 407 -21.96 -30.40 5.31
N GLU B 408 -23.04 -29.62 5.29
CA GLU B 408 -24.28 -30.04 4.63
C GLU B 408 -24.75 -31.43 5.10
N ASN B 409 -24.67 -31.65 6.41
CA ASN B 409 -25.09 -32.89 7.07
C ASN B 409 -24.21 -34.12 6.73
N MET B 410 -23.09 -33.88 6.06
CA MET B 410 -22.18 -34.96 5.71
C MET B 410 -20.90 -34.87 6.50
N GLU B 411 -20.33 -36.03 6.82
CA GLU B 411 -19.05 -36.06 7.50
C GLU B 411 -17.94 -35.51 6.60
N VAL B 412 -17.28 -34.46 7.08
CA VAL B 412 -16.20 -33.85 6.32
C VAL B 412 -15.01 -34.82 6.24
N GLU B 413 -14.54 -35.07 5.02
CA GLU B 413 -13.34 -35.87 4.78
C GLU B 413 -12.22 -34.95 4.30
N ILE B 414 -10.99 -35.30 4.66
CA ILE B 414 -9.79 -34.57 4.23
C ILE B 414 -8.79 -35.53 3.57
N TRP B 415 -8.27 -35.12 2.42
CA TRP B 415 -7.18 -35.82 1.77
C TRP B 415 -5.89 -35.11 2.10
N THR B 416 -5.00 -35.84 2.79
CA THR B 416 -3.74 -35.26 3.26
C THR B 416 -2.73 -35.18 2.13
N ARG B 417 -1.77 -34.27 2.27
CA ARG B 417 -0.72 -34.12 1.26
C ARG B 417 0.14 -35.39 1.14
N GLU B 418 -0.19 -36.38 1.97
CA GLU B 418 0.45 -37.70 1.97
C GLU B 418 -0.37 -38.70 1.18
N GLY B 419 -1.63 -38.36 0.92
CA GLY B 419 -2.54 -39.24 0.20
C GLY B 419 -3.47 -40.06 1.08
N GLU B 420 -3.52 -39.74 2.37
CA GLU B 420 -4.46 -40.38 3.29
C GLU B 420 -5.79 -39.64 3.27
N LYS B 421 -6.87 -40.41 3.39
CA LYS B 421 -8.23 -39.86 3.55
C LYS B 421 -8.66 -40.00 5.01
N LYS B 422 -8.95 -38.87 5.65
CA LYS B 422 -9.21 -38.82 7.11
C LYS B 422 -10.42 -37.96 7.42
N LYS B 423 -11.25 -38.41 8.37
CA LYS B 423 -12.40 -37.64 8.80
C LYS B 423 -11.95 -36.42 9.61
N LEU B 424 -12.54 -35.25 9.33
CA LEU B 424 -12.20 -34.03 10.06
C LEU B 424 -12.86 -34.08 11.43
N ARG B 425 -12.02 -34.24 12.45
CA ARG B 425 -12.48 -34.54 13.79
C ARG B 425 -11.42 -34.02 14.75
N PRO B 426 -11.38 -32.69 14.96
CA PRO B 426 -10.29 -32.07 15.73
C PRO B 426 -10.37 -32.29 17.24
N LYS B 427 -9.21 -32.37 17.89
CA LYS B 427 -9.11 -32.50 19.34
C LYS B 427 -9.83 -31.36 20.06
N TRP B 428 -9.72 -30.15 19.52
CA TRP B 428 -10.40 -28.97 20.07
C TRP B 428 -11.37 -28.35 19.05
N LEU B 429 -12.54 -27.97 19.55
CA LEU B 429 -13.62 -27.42 18.73
C LEU B 429 -13.78 -25.92 18.95
N ASP B 430 -13.60 -25.19 17.86
CA ASP B 430 -13.81 -23.76 17.84
C ASP B 430 -14.70 -23.47 16.63
N ALA B 431 -15.96 -23.09 16.88
CA ALA B 431 -16.94 -22.88 15.82
C ALA B 431 -16.48 -21.84 14.80
N ARG B 432 -15.57 -20.95 15.19
CA ARG B 432 -15.07 -19.94 14.26
C ARG B 432 -14.36 -20.54 13.05
N VAL B 433 -13.77 -21.73 13.21
CA VAL B 433 -13.13 -22.41 12.04
C VAL B 433 -14.04 -23.33 11.21
N TYR B 434 -15.29 -23.54 11.64
CA TYR B 434 -16.19 -24.41 10.88
C TYR B 434 -17.61 -23.87 10.61
N ALA B 435 -18.00 -22.79 11.28
CA ALA B 435 -19.39 -22.28 11.15
C ALA B 435 -19.74 -21.73 9.74
N ASP B 436 -19.01 -20.70 9.32
CA ASP B 436 -19.11 -20.17 7.97
C ASP B 436 -18.42 -21.13 6.99
N PRO B 437 -19.06 -21.42 5.85
CA PRO B 437 -18.47 -22.36 4.90
C PRO B 437 -17.13 -21.90 4.29
N MET B 438 -16.93 -20.60 4.18
CA MET B 438 -15.63 -20.06 3.77
C MET B 438 -14.57 -20.27 4.84
N ALA B 439 -14.97 -20.12 6.11
CA ALA B 439 -14.09 -20.43 7.24
C ALA B 439 -13.75 -21.92 7.25
N LEU B 440 -14.76 -22.77 7.06
CA LEU B 440 -14.54 -24.20 6.96
C LEU B 440 -13.60 -24.55 5.84
N LYS B 441 -13.80 -23.95 4.66
CA LYS B 441 -12.92 -24.20 3.51
C LYS B 441 -11.43 -23.94 3.81
N ASP B 442 -11.16 -22.83 4.48
CA ASP B 442 -9.81 -22.51 4.94
C ASP B 442 -9.27 -23.54 5.95
N PHE B 443 -10.11 -23.97 6.88
CA PHE B 443 -9.71 -24.92 7.90
C PHE B 443 -9.47 -26.30 7.29
N LYS B 444 -10.24 -26.64 6.25
CA LYS B 444 -9.97 -27.86 5.48
C LYS B 444 -8.60 -27.82 4.81
N GLU B 445 -8.24 -26.67 4.23
CA GLU B 445 -6.91 -26.46 3.65
C GLU B 445 -5.79 -26.56 4.69
N PHE B 446 -6.07 -26.06 5.89
CA PHE B 446 -5.15 -26.20 7.01
C PHE B 446 -4.97 -27.68 7.38
N ALA B 447 -6.09 -28.38 7.58
CA ALA B 447 -6.01 -29.81 7.92
C ALA B 447 -5.27 -30.63 6.87
N SER B 448 -5.44 -30.27 5.59
CA SER B 448 -4.73 -30.89 4.47
C SER B 448 -3.20 -30.79 4.46
N GLY B 449 -2.65 -29.80 5.17
CA GLY B 449 -1.21 -29.53 5.12
C GLY B 449 -0.86 -28.49 4.08
N ARG B 450 -1.88 -27.88 3.48
CA ARG B 450 -1.71 -26.88 2.41
C ARG B 450 -1.66 -25.44 2.92
N LYS B 451 -1.38 -25.28 4.21
CA LYS B 451 -1.37 -23.98 4.86
C LYS B 451 -0.30 -24.01 5.95
PG ANP E . -0.56 1.98 -24.10
O1G ANP E . -0.85 3.45 -24.19
O2G ANP E . -0.11 1.51 -22.75
O3G ANP E . 0.33 1.38 -25.18
PB ANP E . -2.66 -0.30 -24.17
O1B ANP E . -1.97 -0.96 -22.99
O2B ANP E . -2.62 -1.04 -25.50
N3B ANP E . -2.14 1.34 -24.39
PA ANP E . -5.00 -0.38 -22.47
O1A ANP E . -5.07 -1.85 -22.29
O2A ANP E . -4.43 0.50 -21.37
O3A ANP E . -4.23 -0.11 -23.86
O5' ANP E . -6.42 0.26 -22.89
C5' ANP E . -7.21 -0.31 -23.95
C4' ANP E . -8.45 0.54 -24.18
O4' ANP E . -9.27 0.50 -23.02
C3' ANP E . -8.12 2.01 -24.43
O3' ANP E . -8.98 2.51 -25.44
C2' ANP E . -8.45 2.70 -23.12
O2' ANP E . -8.89 4.05 -23.32
C1' ANP E . -9.57 1.82 -22.58
N9 ANP E . -9.65 1.85 -21.10
C8 ANP E . -8.68 1.49 -20.22
N7 ANP E . -9.10 1.64 -18.94
C5 ANP E . -10.36 2.10 -18.98
C6 ANP E . -11.41 2.47 -17.99
N6 ANP E . -11.16 2.37 -16.67
N1 ANP E . -12.61 2.90 -18.46
C2 ANP E . -12.87 2.99 -19.79
N3 ANP E . -11.97 2.67 -20.74
C4 ANP E . -10.73 2.23 -20.40
MN MN F . -0.43 -0.27 -21.68
C1 GOL G . -16.43 -15.29 -22.31
O1 GOL G . -16.92 -14.17 -21.60
C2 GOL G . -14.91 -15.32 -22.47
O2 GOL G . -14.41 -16.45 -21.77
C3 GOL G . -14.61 -15.50 -23.96
O3 GOL G . -13.95 -14.39 -24.55
CL CL H . -8.10 6.76 -21.59
PG ANP I . -15.20 9.52 16.85
O1G ANP I . -13.93 8.85 16.39
O2G ANP I . -15.42 9.41 18.34
O3G ANP I . -16.39 9.22 15.98
PB ANP I . -13.58 12.17 16.69
O1B ANP I . -13.56 12.95 17.97
O2B ANP I . -12.32 11.37 16.38
N3B ANP I . -15.04 11.24 16.66
PA ANP I . -12.98 13.48 14.18
O1A ANP I . -11.64 14.03 14.61
O2A ANP I . -13.03 12.27 13.27
O3A ANP I . -13.85 13.24 15.52
O5' ANP I . -13.86 14.61 13.47
C5' ANP I . -14.09 15.87 14.12
C4' ANP I . -15.06 16.72 13.30
O4' ANP I . -14.49 16.97 12.01
C3' ANP I . -16.39 16.02 13.05
O3' ANP I . -17.43 17.00 13.17
C2' ANP I . -16.31 15.57 11.62
O2' ANP I . -17.58 15.51 10.98
C1' ANP I . -15.43 16.64 10.99
N9 ANP I . -14.71 16.13 9.81
C8 ANP I . -13.88 15.07 9.79
N7 ANP I . -13.38 14.88 8.55
C5 ANP I . -13.90 15.83 7.76
C6 ANP I . -13.78 16.21 6.33
N6 ANP I . -12.99 15.49 5.50
N1 ANP I . -14.49 17.29 5.89
C2 ANP I . -15.27 18.02 6.72
N3 ANP I . -15.42 17.73 8.03
C4 ANP I . -14.77 16.66 8.59
MN MN J . -11.99 9.32 15.87
C1 GOL K . 3.92 29.69 21.22
O1 GOL K . 4.98 29.52 20.33
C2 GOL K . 2.93 28.55 21.02
O2 GOL K . 1.96 28.60 22.02
C3 GOL K . 2.21 28.69 19.69
O3 GOL K . 1.10 27.83 19.77
CL CL L . -18.86 12.98 8.96
#